data_8UQN
#
_entry.id   8UQN
#
loop_
_entity.id
_entity.type
_entity.pdbx_description
1 polymer 'Guanine nucleotide-binding protein G(q) subunit alpha'
2 polymer '1-phosphatidylinositol 4,5-bisphosphate phosphodiesterase beta-3'
3 non-polymer "GUANOSINE-5'-DIPHOSPHATE"
4 non-polymer 'TETRAFLUOROALUMINATE ION'
5 non-polymer 'MAGNESIUM ION'
6 non-polymer 'CALCIUM ION'
7 water water
#
loop_
_entity_poly.entity_id
_entity_poly.type
_entity_poly.pdbx_seq_one_letter_code
_entity_poly.pdbx_strand_id
1 'polypeptide(L)'
;GPMACCLSEEAKEARRINDEIERQLRRDKRDARRELKLLLLGTGESGKSTFIKQMRIIHGSGYSDEDKRGFTKLVYQNIF
TAMQAMIRAMDTLKIPYKYEHNKAHAQLVREVDVEKVSAFENPYVDAIKSLWNDPGIQECYDRRREYQLSDSTKYYLNDL
DRVADPAYLPTQQDVLRVRVPTTGIIEYPFDLQSVIFRMVDVGGQRSERRKWIHCFENVTSIMFLVALSEYDQVLVESDN
ENRMEESKALFRTIITYPWFQNSSVILFLNKKDLLEEKIMYSHLVDYFPEYDGPQRDAQAAREFILKMFVDLNPDSDKII
YSHFTCATDTENIRFVFAAVKDTILQLNLKEYNLV
;
A
2 'polypeptide(L)'
;GPAMDPEFMALQLEPPTVVETLRRGSKFIKWDEETSSRNLVTLRVDPNGFFLYWTGPNMEVDTLDISSIRDTRTGRYARL
PKDPKIREVLGFGGPDARLEEKLMTVVSGPDPVNTVFLNFMAVQDDTAKVWSEELFKLAMNILAQNASRNTFLRKAYTKL
KLQVNQDGRIPVKNILKMFSADKKRVETALESCGLKFNRSESIRPDEFSLEIFERFLNKLCLRPDIDKILLEIGAKGKPY
LTLEQLMDFINQKQRDPRLNEVLYPPLRPSQARLLIEKYEPNQQFLERDQMSMEGFSRYLGGEENGILPLEALDLSTDMT
QPLSAYFINSSHNTYLTAGQLAGTSSVEMYRQALLWGCRCVELDVWKGRPPEEEPFITHGFTMTTEVPLRDVLEAIAETA
FKTSPYPVILSFENHVDSAKQQAKMAEYCRSIFGDALLIEPLDKYPLAPGVPLPSPQDLMGRILVKNKKRHRPSAGGPDS
AGRKRPLEQSNSALSESSAATEPSSPQLGSPSSDSCPGLSNGEEVGLEKPSLEPQKSLGDEGLNRGPYVLGPADREDEEE
DEEEEEQTDPKKPTTDEGTASSEVNATEEMSTLVNYIEPVKFKSFEAARKRNKCFEMSSFVETKAMEQLTKSPMEFVEYN
KQQLSRIYPKGTRVDSSNYMPQLFWNVGCQLVALNFQTLDVAMQLNAGVFEYNGRSGYLLKPEFMRRPDKSFDPFTEVIV
DGIVANALRVKVISGQFLSDRKVGIYVEVDMFGLPVDTRRKYRTRTSQGNSFNPVWDEEPFDFPKVVLPTLASLRIAAFE
EGGKFVGHRILPVSAIRSGYHYVCLRNEANQPLCLPALLIYTEASDYIPDDHQDYAEALINPIKHVSLMDQRARQLAALI
GESEAQAGQETCQDTQSQQLGSQPSSNPTPSPLDASPRRPPGPTTSPASTSLSSPGQRDDLIASILSEVAPTPLDELRGH
KALVKLRSRQERDLRELRKKHQRKAVTLTRRLLDGLAQAQAEGRCRLRPGALGGAADVEDTKEGEDEAKRYQEFQNRQVQ
SLLELREAQVDAEAQRRLEHLRQALQRLREVVLDANTTQFKRLKEMNEREKKELQKILDRKRHNSISEAKMRDKHKKEAE
LTEINRRHITESVNSIRRLEEAQKQRHDRLVAGQQQVLQQLAEEEPKLLAQLAQECQEQRARLPQEIRRSLLGEMPEGLG
DGPLVACASNGHAPGSSGHLSGADSESQEENTQL
;
B
#
loop_
_chem_comp.id
_chem_comp.type
_chem_comp.name
_chem_comp.formula
ALF non-polymer 'TETRAFLUOROALUMINATE ION' 'Al F4 -1'
CA non-polymer 'CALCIUM ION' 'Ca 2'
GDP RNA linking GUANOSINE-5'-DIPHOSPHATE 'C10 H15 N5 O11 P2'
MG non-polymer 'MAGNESIUM ION' 'Mg 2'
#
# COMPACT_ATOMS: atom_id res chain seq x y z
N ARG A 34 37.77 -4.18 -0.76
CA ARG A 34 36.76 -4.98 -1.43
C ARG A 34 35.77 -5.53 -0.44
N GLU A 35 34.72 -6.16 -0.94
CA GLU A 35 33.72 -6.82 -0.12
C GLU A 35 33.43 -8.21 -0.65
N LEU A 36 32.73 -9.00 0.16
CA LEU A 36 32.34 -10.36 -0.19
C LEU A 36 30.85 -10.52 0.08
N LYS A 37 30.17 -11.28 -0.77
CA LYS A 37 28.74 -11.51 -0.63
C LYS A 37 28.52 -12.91 -0.06
N LEU A 38 27.99 -12.98 1.15
CA LEU A 38 27.72 -14.25 1.82
C LEU A 38 26.24 -14.48 1.87
N LEU A 39 25.80 -15.66 1.44
CA LEU A 39 24.40 -16.03 1.45
C LEU A 39 24.04 -16.75 2.73
N LEU A 40 22.87 -16.45 3.26
CA LEU A 40 22.32 -17.18 4.40
C LEU A 40 21.12 -17.96 3.89
N LEU A 41 21.34 -19.20 3.51
CA LEU A 41 20.29 -20.04 2.98
C LEU A 41 19.87 -21.06 4.02
N GLY A 42 18.64 -21.54 3.90
CA GLY A 42 18.10 -22.53 4.81
C GLY A 42 16.59 -22.49 4.79
N THR A 43 15.99 -23.55 5.32
CA THR A 43 14.55 -23.73 5.22
C THR A 43 13.80 -22.87 6.23
N GLY A 44 12.51 -23.11 6.38
CA GLY A 44 11.69 -22.23 7.19
C GLY A 44 11.85 -22.48 8.67
N GLU A 45 11.77 -21.40 9.45
CA GLU A 45 11.93 -21.38 10.91
C GLU A 45 13.25 -22.00 11.35
N SER A 46 14.32 -21.71 10.62
CA SER A 46 15.61 -22.32 10.88
C SER A 46 16.57 -21.43 11.64
N GLY A 47 16.30 -20.13 11.73
CA GLY A 47 17.21 -19.25 12.44
C GLY A 47 18.22 -18.57 11.55
N LYS A 48 17.74 -17.86 10.52
CA LYS A 48 18.58 -17.07 9.65
C LYS A 48 18.66 -15.61 10.08
N SER A 49 17.52 -15.00 10.42
CA SER A 49 17.56 -13.62 10.89
C SER A 49 18.13 -13.52 12.29
N THR A 50 18.05 -14.60 13.08
CA THR A 50 18.69 -14.61 14.39
C THR A 50 20.21 -14.59 14.26
N PHE A 51 20.74 -15.22 13.22
CA PHE A 51 22.15 -15.10 12.92
C PHE A 51 22.52 -13.69 12.46
N ILE A 52 21.59 -12.98 11.82
CA ILE A 52 21.84 -11.60 11.43
C ILE A 52 21.84 -10.68 12.65
N LYS A 53 20.88 -10.88 13.56
CA LYS A 53 20.78 -10.07 14.76
C LYS A 53 22.00 -10.20 15.65
N GLN A 54 22.63 -11.37 15.65
CA GLN A 54 23.88 -11.50 16.38
C GLN A 54 25.01 -10.74 15.70
N MET A 55 24.99 -10.65 14.37
CA MET A 55 25.99 -9.84 13.69
C MET A 55 25.75 -8.36 13.94
N ARG A 56 24.50 -7.96 14.14
CA ARG A 56 24.22 -6.57 14.50
C ARG A 56 24.67 -6.28 15.92
N ILE A 57 24.72 -7.30 16.77
CA ILE A 57 25.16 -7.13 18.15
C ILE A 57 26.68 -7.27 18.27
N ILE A 58 27.27 -8.27 17.62
CA ILE A 58 28.71 -8.46 17.71
C ILE A 58 29.45 -7.45 16.84
N HIS A 59 29.24 -7.50 15.51
CA HIS A 59 30.06 -6.77 14.56
C HIS A 59 29.32 -5.62 13.90
N GLY A 60 28.41 -4.96 14.61
CA GLY A 60 27.74 -3.81 14.06
C GLY A 60 27.29 -2.83 15.11
N SER A 61 26.19 -2.14 14.86
CA SER A 61 25.57 -1.26 15.84
C SER A 61 24.53 -2.05 16.62
N GLY A 62 24.79 -2.29 17.90
CA GLY A 62 23.92 -3.11 18.71
C GLY A 62 22.58 -2.45 19.00
N TYR A 63 21.74 -3.20 19.70
CA TYR A 63 20.41 -2.71 20.06
C TYR A 63 20.53 -1.78 21.25
N SER A 64 20.22 -0.50 21.04
CA SER A 64 20.32 0.49 22.11
C SER A 64 19.03 0.49 22.91
N ASP A 65 18.86 1.50 23.77
CA ASP A 65 17.65 1.61 24.58
C ASP A 65 16.43 1.98 23.77
N GLU A 66 16.61 2.59 22.60
CA GLU A 66 15.49 2.94 21.74
C GLU A 66 15.09 1.79 20.84
N ASP A 67 16.06 1.01 20.36
CA ASP A 67 15.76 -0.10 19.46
C ASP A 67 15.17 -1.30 20.21
N LYS A 68 15.50 -1.45 21.50
CA LYS A 68 14.87 -2.51 22.28
C LYS A 68 13.43 -2.17 22.55
N ARG A 69 13.11 -0.89 22.76
CA ARG A 69 11.73 -0.49 23.01
C ARG A 69 10.89 -0.53 21.75
N GLY A 70 11.51 -0.56 20.58
CA GLY A 70 10.74 -0.74 19.36
C GLY A 70 10.28 -2.15 19.10
N PHE A 71 10.75 -3.11 19.91
CA PHE A 71 10.40 -4.52 19.76
C PHE A 71 9.34 -4.97 20.74
N THR A 72 8.83 -4.09 21.60
CA THR A 72 7.95 -4.56 22.66
C THR A 72 6.56 -4.91 22.18
N LYS A 73 6.17 -4.50 20.97
CA LYS A 73 4.86 -4.89 20.47
C LYS A 73 4.93 -6.27 19.82
N LEU A 74 6.09 -6.68 19.34
CA LEU A 74 6.22 -8.00 18.73
C LEU A 74 6.36 -9.10 19.76
N VAL A 75 6.83 -8.77 20.96
CA VAL A 75 6.87 -9.76 22.04
C VAL A 75 5.47 -10.05 22.53
N TYR A 76 4.59 -9.04 22.55
CA TYR A 76 3.19 -9.29 22.91
C TYR A 76 2.49 -10.13 21.86
N GLN A 77 2.81 -9.92 20.59
CA GLN A 77 2.13 -10.64 19.53
C GLN A 77 2.56 -12.10 19.47
N ASN A 78 3.79 -12.41 19.91
CA ASN A 78 4.21 -13.80 19.94
C ASN A 78 3.70 -14.55 21.15
N ILE A 79 3.27 -13.83 22.20
CA ILE A 79 2.61 -14.51 23.31
C ILE A 79 1.21 -14.94 22.90
N PHE A 80 0.48 -14.07 22.21
CA PHE A 80 -0.87 -14.42 21.78
C PHE A 80 -0.89 -15.40 20.63
N THR A 81 0.08 -15.32 19.71
CA THR A 81 0.13 -16.28 18.61
C THR A 81 0.46 -17.68 19.10
N ALA A 82 1.29 -17.79 20.13
CA ALA A 82 1.60 -19.09 20.70
C ALA A 82 0.42 -19.67 21.46
N MET A 83 -0.33 -18.80 22.15
CA MET A 83 -1.44 -19.30 22.97
C MET A 83 -2.65 -19.63 22.11
N GLN A 84 -2.94 -18.81 21.09
CA GLN A 84 -4.10 -19.08 20.25
C GLN A 84 -3.90 -20.32 19.39
N ALA A 85 -2.65 -20.65 19.06
CA ALA A 85 -2.37 -21.90 18.37
C ALA A 85 -2.33 -23.07 19.33
N MET A 86 -2.19 -22.83 20.62
CA MET A 86 -2.27 -23.89 21.61
C MET A 86 -3.70 -24.12 22.09
N ILE A 87 -4.55 -23.11 22.00
CA ILE A 87 -5.95 -23.26 22.36
C ILE A 87 -6.67 -24.07 21.29
N ARG A 88 -6.47 -23.73 20.01
CA ARG A 88 -7.07 -24.48 18.91
C ARG A 88 -6.42 -25.84 18.71
N ALA A 89 -5.32 -26.13 19.40
CA ALA A 89 -4.77 -27.48 19.37
C ALA A 89 -5.46 -28.39 20.37
N MET A 90 -6.36 -27.87 21.20
CA MET A 90 -7.00 -28.69 22.22
C MET A 90 -8.19 -29.48 21.68
N ASP A 91 -8.95 -28.92 20.74
CA ASP A 91 -10.12 -29.62 20.24
C ASP A 91 -9.79 -30.61 19.14
N THR A 92 -8.79 -30.31 18.30
CA THR A 92 -8.36 -31.25 17.28
C THR A 92 -7.60 -32.43 17.87
N LEU A 93 -7.08 -32.29 19.08
CA LEU A 93 -6.46 -33.40 19.79
C LEU A 93 -7.38 -34.00 20.85
N LYS A 94 -8.51 -33.33 21.11
CA LYS A 94 -9.55 -33.80 22.04
C LYS A 94 -9.01 -33.99 23.45
N ILE A 95 -8.35 -32.96 23.97
CA ILE A 95 -7.82 -32.96 25.33
C ILE A 95 -8.70 -32.05 26.17
N PRO A 96 -9.38 -32.56 27.20
CA PRO A 96 -10.18 -31.70 28.05
C PRO A 96 -9.33 -30.94 29.05
N TYR A 97 -9.87 -29.83 29.52
CA TYR A 97 -9.17 -29.02 30.50
C TYR A 97 -9.27 -29.64 31.88
N LYS A 98 -8.29 -29.33 32.73
CA LYS A 98 -8.30 -29.83 34.09
C LYS A 98 -9.29 -29.06 34.94
N TYR A 99 -9.08 -27.76 35.07
CA TYR A 99 -9.99 -26.92 35.83
C TYR A 99 -11.03 -26.29 34.90
N GLU A 100 -12.29 -26.35 35.31
CA GLU A 100 -13.38 -25.73 34.56
C GLU A 100 -13.37 -24.21 34.70
N HIS A 101 -12.80 -23.70 35.80
CA HIS A 101 -12.63 -22.25 35.97
C HIS A 101 -11.69 -21.67 34.93
N ASN A 102 -10.71 -22.47 34.49
CA ASN A 102 -9.74 -22.00 33.52
C ASN A 102 -10.32 -22.02 32.12
N LYS A 103 -11.30 -22.92 31.89
CA LYS A 103 -11.92 -23.10 30.58
C LYS A 103 -12.67 -21.86 30.12
N ALA A 104 -13.18 -21.08 31.08
CA ALA A 104 -13.89 -19.85 30.77
C ALA A 104 -12.93 -18.79 30.26
N HIS A 105 -11.63 -18.94 30.56
CA HIS A 105 -10.63 -18.03 30.03
C HIS A 105 -10.24 -18.37 28.60
N ALA A 106 -10.63 -19.55 28.10
CA ALA A 106 -10.14 -19.99 26.79
C ALA A 106 -10.80 -19.21 25.66
N GLN A 107 -12.08 -18.89 25.80
CA GLN A 107 -12.78 -18.19 24.72
C GLN A 107 -12.42 -16.72 24.71
N LEU A 108 -11.86 -16.20 25.79
CA LEU A 108 -11.44 -14.81 25.82
C LEU A 108 -10.17 -14.61 24.98
N VAL A 109 -9.19 -15.49 25.13
CA VAL A 109 -7.95 -15.41 24.38
C VAL A 109 -8.14 -15.87 22.94
N ARG A 110 -9.11 -16.75 22.69
CA ARG A 110 -9.41 -17.26 21.35
C ARG A 110 -9.91 -16.19 20.39
N GLU A 111 -10.41 -15.07 20.91
CA GLU A 111 -10.95 -14.02 20.07
C GLU A 111 -10.11 -12.75 20.05
N VAL A 112 -8.86 -12.83 20.52
CA VAL A 112 -7.97 -11.69 20.44
C VAL A 112 -7.43 -11.59 19.02
N ASP A 113 -7.73 -10.51 18.32
CA ASP A 113 -7.11 -10.23 17.04
C ASP A 113 -5.63 -9.92 17.27
N VAL A 114 -4.74 -10.74 16.72
CA VAL A 114 -3.35 -10.74 17.16
C VAL A 114 -2.60 -9.55 16.59
N GLU A 115 -2.96 -9.12 15.37
CA GLU A 115 -2.23 -8.04 14.74
C GLU A 115 -2.51 -6.70 15.41
N LYS A 116 -3.72 -6.53 15.93
CA LYS A 116 -4.06 -5.31 16.66
C LYS A 116 -3.95 -5.55 18.17
N VAL A 117 -2.73 -5.86 18.59
CA VAL A 117 -2.36 -5.89 20.00
C VAL A 117 -1.24 -4.88 20.22
N SER A 118 -1.50 -3.88 21.03
CA SER A 118 -0.53 -2.86 21.37
C SER A 118 -0.12 -2.90 22.83
N ALA A 119 -1.06 -3.20 23.73
CA ALA A 119 -0.80 -3.27 25.15
C ALA A 119 -1.12 -4.65 25.70
N PHE A 120 -0.63 -4.91 26.90
CA PHE A 120 -0.78 -6.19 27.59
C PHE A 120 -1.53 -5.92 28.89
N GLU A 121 -2.86 -5.88 28.82
CA GLU A 121 -3.67 -5.36 29.90
C GLU A 121 -4.09 -6.48 30.85
N ASN A 122 -4.92 -6.11 31.83
CA ASN A 122 -5.19 -6.96 32.99
C ASN A 122 -6.00 -8.23 32.71
N PRO A 123 -7.10 -8.25 31.95
CA PRO A 123 -7.75 -9.55 31.72
C PRO A 123 -6.99 -10.42 30.74
N TYR A 124 -6.09 -9.83 29.96
CA TYR A 124 -5.32 -10.61 29.01
C TYR A 124 -4.17 -11.34 29.71
N VAL A 125 -3.58 -10.71 30.72
CA VAL A 125 -2.52 -11.40 31.45
C VAL A 125 -3.13 -12.39 32.44
N ASP A 126 -4.29 -12.07 33.00
CA ASP A 126 -4.89 -12.93 34.02
C ASP A 126 -5.45 -14.22 33.41
N ALA A 127 -5.80 -14.17 32.13
CA ALA A 127 -6.32 -15.37 31.49
C ALA A 127 -5.20 -16.30 31.06
N ILE A 128 -4.13 -15.76 30.49
CA ILE A 128 -3.07 -16.60 29.95
C ILE A 128 -2.20 -17.18 31.06
N LYS A 129 -1.96 -16.38 32.12
CA LYS A 129 -1.19 -16.88 33.27
C LYS A 129 -1.97 -17.96 34.01
N SER A 130 -3.31 -17.87 33.98
CA SER A 130 -4.11 -18.97 34.48
C SER A 130 -4.11 -20.14 33.51
N LEU A 131 -4.04 -19.84 32.21
CA LEU A 131 -4.08 -20.90 31.21
C LEU A 131 -2.77 -21.65 31.09
N TRP A 132 -1.67 -21.07 31.55
CA TRP A 132 -0.38 -21.75 31.38
C TRP A 132 -0.15 -22.81 32.45
N ASN A 133 -0.68 -22.62 33.66
CA ASN A 133 -0.46 -23.55 34.76
C ASN A 133 -1.41 -24.74 34.74
N ASP A 134 -2.22 -24.88 33.71
CA ASP A 134 -3.18 -25.98 33.67
C ASP A 134 -2.47 -27.27 33.27
N PRO A 135 -2.75 -28.39 33.95
CA PRO A 135 -2.12 -29.67 33.55
C PRO A 135 -2.58 -30.20 32.20
N GLY A 136 -3.74 -29.79 31.71
CA GLY A 136 -4.16 -30.20 30.38
C GLY A 136 -3.50 -29.41 29.27
N ILE A 137 -3.09 -28.17 29.56
CA ILE A 137 -2.31 -27.40 28.59
C ILE A 137 -0.90 -27.95 28.50
N GLN A 138 -0.29 -28.29 29.64
CA GLN A 138 1.06 -28.83 29.66
C GLN A 138 1.16 -30.22 29.06
N GLU A 139 0.04 -30.94 28.91
CA GLU A 139 0.05 -32.14 28.10
C GLU A 139 -0.07 -31.82 26.62
N CYS A 140 -0.73 -30.71 26.28
CA CYS A 140 -0.78 -30.27 24.89
C CYS A 140 0.55 -29.69 24.44
N TYR A 141 1.26 -29.03 25.34
CA TYR A 141 2.59 -28.53 24.99
C TYR A 141 3.60 -29.66 24.84
N ASP A 142 3.42 -30.76 25.57
CA ASP A 142 4.32 -31.89 25.42
C ASP A 142 4.12 -32.60 24.09
N ARG A 143 2.93 -32.49 23.50
CA ARG A 143 2.64 -33.07 22.21
C ARG A 143 2.63 -32.03 21.10
N ARG A 144 3.54 -31.06 21.16
CA ARG A 144 3.62 -29.96 20.22
C ARG A 144 4.22 -30.34 18.87
N ARG A 145 4.58 -31.60 18.68
CA ARG A 145 5.05 -32.03 17.37
C ARG A 145 3.92 -32.23 16.37
N GLU A 146 2.68 -32.24 16.83
CA GLU A 146 1.54 -32.52 15.96
C GLU A 146 0.90 -31.27 15.39
N TYR A 147 1.31 -30.10 15.82
CA TYR A 147 0.90 -28.84 15.24
C TYR A 147 2.12 -27.96 15.06
N GLN A 148 1.90 -26.68 14.75
CA GLN A 148 3.00 -25.76 14.48
C GLN A 148 3.08 -24.74 15.60
N LEU A 149 4.14 -24.81 16.38
CA LEU A 149 4.36 -23.91 17.49
C LEU A 149 5.81 -23.44 17.46
N SER A 150 6.04 -22.22 17.93
CA SER A 150 7.37 -21.62 17.86
C SER A 150 8.30 -22.26 18.90
N ASP A 151 9.60 -21.98 18.75
CA ASP A 151 10.59 -22.52 19.67
C ASP A 151 10.83 -21.63 20.88
N SER A 152 10.33 -20.39 20.86
CA SER A 152 10.40 -19.49 22.00
C SER A 152 9.04 -19.33 22.68
N THR A 153 8.22 -20.39 22.68
CA THR A 153 6.94 -20.32 23.34
C THR A 153 7.01 -20.70 24.81
N LYS A 154 8.15 -21.20 25.27
CA LYS A 154 8.34 -21.47 26.69
C LYS A 154 9.20 -20.41 27.37
N TYR A 155 10.01 -19.69 26.60
CA TYR A 155 10.80 -18.61 27.17
C TYR A 155 9.92 -17.44 27.55
N TYR A 156 8.79 -17.25 26.87
CA TYR A 156 7.90 -16.14 27.14
C TYR A 156 6.88 -16.49 28.22
N LEU A 157 6.25 -17.65 28.11
CA LEU A 157 5.27 -18.01 29.13
C LEU A 157 5.91 -18.80 30.26
N ASN A 158 7.07 -18.35 30.72
CA ASN A 158 7.66 -18.64 32.03
C ASN A 158 8.20 -17.41 32.71
N ASP A 159 8.63 -16.39 31.97
CA ASP A 159 8.97 -15.08 32.49
C ASP A 159 7.81 -14.11 32.30
N LEU A 160 6.58 -14.60 32.44
CA LEU A 160 5.40 -13.78 32.20
C LEU A 160 5.22 -12.73 33.30
N ASP A 161 5.84 -12.95 34.45
CA ASP A 161 5.89 -11.92 35.49
C ASP A 161 6.80 -10.77 35.07
N ARG A 162 7.79 -11.06 34.21
CA ARG A 162 8.72 -10.03 33.79
C ARG A 162 8.21 -9.29 32.56
N VAL A 163 7.32 -9.89 31.78
CA VAL A 163 6.86 -9.30 30.52
C VAL A 163 5.56 -8.52 30.67
N ALA A 164 4.85 -8.69 31.79
CA ALA A 164 3.53 -8.09 31.91
C ALA A 164 3.56 -6.74 32.60
N ASP A 165 4.65 -6.45 33.34
CA ASP A 165 4.78 -5.26 34.18
C ASP A 165 4.74 -3.98 33.36
N PRO A 166 4.25 -2.86 33.93
CA PRO A 166 4.07 -1.64 33.11
C PRO A 166 5.37 -0.99 32.68
N ALA A 167 6.46 -1.26 33.38
CA ALA A 167 7.75 -0.64 33.01
C ALA A 167 8.54 -1.67 32.23
N TYR A 168 7.91 -2.29 31.22
CA TYR A 168 8.53 -3.40 30.53
C TYR A 168 9.45 -2.89 29.42
N LEU A 169 10.75 -3.15 29.57
CA LEU A 169 11.73 -2.94 28.53
C LEU A 169 12.25 -4.30 28.09
N PRO A 170 12.22 -4.62 26.79
CA PRO A 170 12.69 -5.93 26.34
C PRO A 170 14.21 -6.02 26.43
N THR A 171 14.69 -6.97 27.22
CA THR A 171 16.12 -7.21 27.32
C THR A 171 16.64 -7.83 26.04
N GLN A 172 17.97 -7.87 25.91
CA GLN A 172 18.59 -8.31 24.66
C GLN A 172 18.36 -9.77 24.36
N GLN A 173 18.14 -10.60 25.38
CA GLN A 173 17.72 -11.96 25.15
C GLN A 173 16.25 -12.04 24.77
N ASP A 174 15.44 -11.07 25.16
CA ASP A 174 14.05 -11.05 24.72
C ASP A 174 13.92 -10.64 23.25
N VAL A 175 14.87 -9.84 22.75
CA VAL A 175 14.79 -9.44 21.35
C VAL A 175 15.23 -10.58 20.44
N LEU A 176 16.23 -11.35 20.86
CA LEU A 176 16.70 -12.45 20.03
C LEU A 176 15.76 -13.64 19.99
N ARG A 177 14.72 -13.65 20.82
CA ARG A 177 13.77 -14.76 20.80
C ARG A 177 12.47 -14.41 20.08
N VAL A 178 12.33 -13.21 19.50
CA VAL A 178 11.11 -12.89 18.79
C VAL A 178 11.09 -13.60 17.45
N ARG A 179 9.91 -13.64 16.85
CA ARG A 179 9.65 -14.38 15.62
C ARG A 179 8.90 -13.44 14.68
N VAL A 180 9.63 -12.87 13.73
CA VAL A 180 9.03 -12.07 12.65
C VAL A 180 9.44 -12.73 11.35
N PRO A 181 8.50 -13.31 10.59
CA PRO A 181 8.87 -14.13 9.43
C PRO A 181 9.32 -13.29 8.24
N THR A 182 10.41 -13.71 7.63
CA THR A 182 11.07 -12.94 6.59
C THR A 182 10.42 -13.20 5.24
N THR A 183 10.35 -12.16 4.42
CA THR A 183 9.87 -12.27 3.04
C THR A 183 10.70 -11.36 2.17
N GLY A 184 11.36 -11.92 1.18
CA GLY A 184 12.12 -11.15 0.22
C GLY A 184 13.61 -11.38 0.31
N ILE A 185 14.35 -10.40 -0.17
CA ILE A 185 15.81 -10.41 -0.11
C ILE A 185 16.25 -9.12 0.55
N ILE A 186 16.93 -9.24 1.68
CA ILE A 186 17.50 -8.10 2.38
C ILE A 186 19.00 -8.32 2.47
N GLU A 187 19.76 -7.30 2.13
CA GLU A 187 21.22 -7.38 2.14
C GLU A 187 21.76 -6.57 3.30
N TYR A 188 22.51 -7.22 4.18
CA TYR A 188 23.09 -6.55 5.34
C TYR A 188 24.59 -6.45 5.18
N PRO A 189 25.18 -5.25 5.13
CA PRO A 189 26.64 -5.15 5.11
C PRO A 189 27.23 -4.93 6.49
N PHE A 190 28.36 -5.58 6.78
CA PHE A 190 28.98 -5.50 8.10
C PHE A 190 30.46 -5.21 7.95
N ASP A 191 30.96 -4.24 8.71
CA ASP A 191 32.36 -3.84 8.65
C ASP A 191 33.12 -4.57 9.76
N LEU A 192 34.21 -5.22 9.37
CA LEU A 192 35.06 -5.95 10.30
C LEU A 192 36.48 -5.38 10.34
N GLN A 193 36.63 -4.10 9.95
CA GLN A 193 37.84 -3.28 9.98
C GLN A 193 38.94 -3.74 9.02
N SER A 194 38.71 -4.85 8.31
CA SER A 194 39.62 -5.30 7.26
C SER A 194 38.90 -5.75 5.99
N VAL A 195 37.64 -6.16 6.07
CA VAL A 195 36.86 -6.59 4.93
C VAL A 195 35.39 -6.37 5.28
N ILE A 196 34.55 -6.24 4.26
CA ILE A 196 33.13 -6.00 4.44
C ILE A 196 32.36 -7.22 3.97
N PHE A 197 31.55 -7.79 4.85
CA PHE A 197 30.73 -8.95 4.53
C PHE A 197 29.33 -8.48 4.20
N ARG A 198 28.81 -8.91 3.06
CA ARG A 198 27.47 -8.60 2.63
C ARG A 198 26.61 -9.82 2.89
N MET A 199 26.02 -9.90 4.08
CA MET A 199 25.22 -11.04 4.48
C MET A 199 23.81 -10.85 3.95
N VAL A 200 23.37 -11.74 3.07
CA VAL A 200 22.10 -11.63 2.39
C VAL A 200 21.10 -12.53 3.08
N ASP A 201 20.02 -11.94 3.58
CA ASP A 201 19.01 -12.66 4.33
C ASP A 201 17.84 -12.95 3.40
N VAL A 202 17.52 -14.24 3.23
CA VAL A 202 16.46 -14.64 2.32
C VAL A 202 15.36 -15.32 3.12
N GLY A 203 14.28 -15.70 2.44
CA GLY A 203 13.20 -16.45 3.08
C GLY A 203 13.50 -17.93 3.12
N GLY A 204 12.54 -18.69 3.62
CA GLY A 204 12.74 -20.11 3.73
C GLY A 204 11.59 -20.98 3.27
N GLN A 205 10.44 -20.38 3.02
CA GLN A 205 9.24 -21.15 2.70
C GLN A 205 9.29 -21.64 1.26
N ARG A 206 8.30 -22.45 0.88
CA ARG A 206 8.25 -22.99 -0.47
C ARG A 206 7.82 -21.97 -1.51
N SER A 207 7.15 -20.91 -1.10
CA SER A 207 6.85 -19.82 -2.02
C SER A 207 7.98 -18.80 -2.08
N GLU A 208 8.95 -18.89 -1.19
CA GLU A 208 10.03 -17.93 -1.09
C GLU A 208 11.31 -18.41 -1.75
N ARG A 209 11.35 -19.65 -2.21
CA ARG A 209 12.54 -20.15 -2.87
C ARG A 209 12.55 -19.85 -4.36
N ARG A 210 11.50 -19.23 -4.88
CA ARG A 210 11.53 -18.70 -6.23
C ARG A 210 12.20 -17.34 -6.28
N LYS A 211 12.33 -16.66 -5.15
CA LYS A 211 13.01 -15.38 -5.07
C LYS A 211 14.50 -15.50 -4.82
N TRP A 212 15.02 -16.71 -4.57
CA TRP A 212 16.44 -16.87 -4.29
C TRP A 212 17.30 -16.69 -5.54
N ILE A 213 16.69 -16.64 -6.72
CA ILE A 213 17.44 -16.57 -7.97
C ILE A 213 18.13 -15.23 -8.11
N HIS A 214 17.51 -14.15 -7.65
CA HIS A 214 18.04 -12.81 -7.85
C HIS A 214 19.13 -12.44 -6.86
N CYS A 215 19.63 -13.39 -6.07
CA CYS A 215 20.80 -13.18 -5.22
C CYS A 215 21.88 -14.22 -5.46
N PHE A 216 21.75 -15.06 -6.47
CA PHE A 216 22.76 -16.07 -6.76
C PHE A 216 23.96 -15.54 -7.54
N GLU A 217 23.93 -14.30 -7.99
CA GLU A 217 25.05 -13.77 -8.75
C GLU A 217 26.11 -13.22 -7.80
N ASN A 218 27.36 -13.62 -8.05
CA ASN A 218 28.55 -13.24 -7.26
C ASN A 218 28.39 -13.62 -5.79
N VAL A 219 28.32 -14.92 -5.56
CA VAL A 219 28.18 -15.46 -4.20
C VAL A 219 29.53 -16.01 -3.78
N THR A 220 30.04 -15.51 -2.64
CA THR A 220 31.30 -16.01 -2.11
C THR A 220 31.10 -17.30 -1.34
N SER A 221 30.21 -17.30 -0.35
CA SER A 221 29.97 -18.48 0.46
C SER A 221 28.49 -18.66 0.70
N ILE A 222 28.11 -19.90 0.98
CA ILE A 222 26.72 -20.26 1.26
C ILE A 222 26.69 -20.80 2.68
N MET A 223 26.07 -20.07 3.58
CA MET A 223 25.99 -20.47 4.99
C MET A 223 24.65 -21.17 5.18
N PHE A 224 24.65 -22.49 5.10
CA PHE A 224 23.42 -23.23 5.17
C PHE A 224 23.08 -23.48 6.63
N LEU A 225 21.85 -23.14 7.04
CA LEU A 225 21.43 -23.17 8.45
C LEU A 225 20.39 -24.25 8.67
N VAL A 226 20.81 -25.36 9.29
CA VAL A 226 19.95 -26.51 9.55
C VAL A 226 19.61 -26.53 11.03
N ALA A 227 18.33 -26.55 11.35
CA ALA A 227 17.92 -26.74 12.74
C ALA A 227 18.01 -28.22 13.09
N LEU A 228 18.73 -28.53 14.17
CA LEU A 228 18.87 -29.90 14.63
C LEU A 228 17.62 -30.43 15.30
N SER A 229 16.73 -29.55 15.75
CA SER A 229 15.51 -29.98 16.43
C SER A 229 14.32 -30.06 15.49
N GLU A 230 14.55 -30.42 14.23
CA GLU A 230 13.47 -30.54 13.25
C GLU A 230 13.11 -31.99 12.98
N TYR A 231 13.73 -32.95 13.65
CA TYR A 231 13.63 -34.34 13.24
C TYR A 231 12.36 -35.04 13.68
N ASP A 232 11.35 -34.31 14.16
CA ASP A 232 10.02 -34.89 14.31
C ASP A 232 8.90 -34.00 13.81
N GLN A 233 9.13 -32.71 13.61
CA GLN A 233 8.05 -31.84 13.17
C GLN A 233 7.89 -31.91 11.66
N VAL A 234 6.66 -31.67 11.21
CA VAL A 234 6.34 -31.64 9.81
C VAL A 234 6.22 -30.19 9.37
N LEU A 235 6.24 -29.98 8.06
CA LEU A 235 6.34 -28.65 7.50
C LEU A 235 5.06 -27.86 7.68
N VAL A 236 5.20 -26.54 7.85
CA VAL A 236 4.05 -25.67 7.97
C VAL A 236 3.37 -25.50 6.61
N GLU A 237 4.14 -25.57 5.52
CA GLU A 237 3.58 -25.44 4.18
C GLU A 237 2.99 -26.75 3.67
N SER A 238 3.39 -27.89 4.22
CA SER A 238 2.83 -29.19 3.84
C SER A 238 2.86 -30.06 5.08
N ASP A 239 1.69 -30.40 5.62
CA ASP A 239 1.62 -31.03 6.93
C ASP A 239 1.90 -32.52 6.92
N ASN A 240 2.51 -33.07 5.88
CA ASN A 240 2.83 -34.49 5.84
C ASN A 240 4.31 -34.78 5.78
N GLU A 241 5.09 -33.98 5.05
CA GLU A 241 6.50 -34.29 4.82
C GLU A 241 7.35 -33.86 6.00
N ASN A 242 8.45 -34.58 6.20
CA ASN A 242 9.31 -34.33 7.34
C ASN A 242 10.14 -33.06 7.13
N ARG A 243 10.51 -32.41 8.22
CA ARG A 243 11.28 -31.18 8.11
C ARG A 243 12.75 -31.45 7.87
N MET A 244 13.29 -32.50 8.51
CA MET A 244 14.69 -32.82 8.34
C MET A 244 14.97 -33.37 6.96
N GLU A 245 14.01 -34.08 6.37
CA GLU A 245 14.20 -34.67 5.05
C GLU A 245 14.10 -33.64 3.93
N GLU A 246 13.60 -32.44 4.20
CA GLU A 246 13.64 -31.38 3.20
C GLU A 246 14.92 -30.55 3.28
N SER A 247 15.38 -30.22 4.49
CA SER A 247 16.68 -29.58 4.64
C SER A 247 17.80 -30.49 4.18
N LYS A 248 17.63 -31.80 4.34
CA LYS A 248 18.53 -32.76 3.72
C LYS A 248 18.41 -32.73 2.20
N ALA A 249 17.20 -32.47 1.68
CA ALA A 249 17.02 -32.42 0.24
C ALA A 249 17.33 -31.06 -0.35
N LEU A 250 17.24 -29.99 0.44
CA LEU A 250 17.64 -28.69 -0.07
C LEU A 250 19.16 -28.56 -0.12
N PHE A 251 19.86 -29.23 0.79
CA PHE A 251 21.32 -29.21 0.74
C PHE A 251 21.85 -30.03 -0.42
N ARG A 252 21.13 -31.06 -0.83
CA ARG A 252 21.53 -31.83 -1.99
C ARG A 252 21.37 -31.03 -3.27
N THR A 253 20.32 -30.19 -3.33
CA THR A 253 20.05 -29.41 -4.53
C THR A 253 21.03 -28.24 -4.65
N ILE A 254 21.43 -27.65 -3.53
CA ILE A 254 22.20 -26.41 -3.57
C ILE A 254 23.63 -26.68 -4.01
N ILE A 255 24.28 -27.67 -3.40
CA ILE A 255 25.69 -27.88 -3.66
C ILE A 255 25.92 -28.74 -4.91
N THR A 256 24.85 -29.14 -5.57
CA THR A 256 24.98 -29.86 -6.84
C THR A 256 24.59 -28.98 -8.02
N TYR A 257 24.41 -27.69 -7.80
CA TYR A 257 24.28 -26.79 -8.94
C TYR A 257 25.60 -26.66 -9.68
N PRO A 258 25.54 -26.45 -11.00
CA PRO A 258 26.76 -26.05 -11.71
C PRO A 258 27.19 -24.63 -11.39
N TRP A 259 26.28 -23.82 -10.85
CA TRP A 259 26.58 -22.44 -10.50
C TRP A 259 27.56 -22.36 -9.34
N PHE A 260 27.30 -23.12 -8.28
CA PHE A 260 28.14 -23.10 -7.08
C PHE A 260 29.25 -24.13 -7.25
N GLN A 261 30.19 -23.82 -8.14
CA GLN A 261 31.32 -24.69 -8.41
C GLN A 261 32.61 -24.23 -7.74
N ASN A 262 32.69 -22.96 -7.35
CA ASN A 262 33.86 -22.45 -6.65
C ASN A 262 33.46 -21.65 -5.41
N SER A 263 32.37 -22.03 -4.77
CA SER A 263 31.88 -21.37 -3.58
C SER A 263 31.99 -22.31 -2.39
N SER A 264 32.57 -21.82 -1.31
CA SER A 264 32.78 -22.63 -0.11
C SER A 264 31.51 -22.65 0.74
N VAL A 265 30.88 -23.81 0.84
CA VAL A 265 29.61 -23.94 1.54
C VAL A 265 29.91 -24.24 3.00
N ILE A 266 29.40 -23.41 3.89
CA ILE A 266 29.67 -23.51 5.32
C ILE A 266 28.40 -23.98 6.01
N LEU A 267 28.38 -25.23 6.46
CA LEU A 267 27.18 -25.86 6.97
C LEU A 267 27.05 -25.57 8.46
N PHE A 268 26.06 -24.76 8.82
CA PHE A 268 25.76 -24.49 10.21
C PHE A 268 24.65 -25.40 10.68
N LEU A 269 24.78 -25.91 11.88
CA LEU A 269 23.73 -26.71 12.51
C LEU A 269 23.20 -25.93 13.68
N ASN A 270 22.12 -25.18 13.45
CA ASN A 270 21.53 -24.34 14.47
C ASN A 270 20.80 -25.15 15.52
N LYS A 271 20.37 -24.45 16.57
CA LYS A 271 19.54 -25.00 17.65
C LYS A 271 20.19 -26.21 18.32
N LYS A 272 21.38 -25.99 18.88
CA LYS A 272 22.03 -27.05 19.64
C LYS A 272 21.51 -27.15 21.06
N ASP A 273 20.68 -26.21 21.51
CA ASP A 273 20.13 -26.34 22.85
C ASP A 273 18.86 -27.17 22.84
N LEU A 274 18.05 -27.03 21.78
CA LEU A 274 16.77 -27.75 21.73
C LEU A 274 16.95 -29.23 21.45
N LEU A 275 18.09 -29.63 20.91
CA LEU A 275 18.38 -31.04 20.75
C LEU A 275 18.56 -31.71 22.10
N GLU A 276 19.10 -30.98 23.08
CA GLU A 276 19.34 -31.57 24.39
C GLU A 276 18.05 -31.74 25.19
N GLU A 277 16.98 -31.06 24.82
CA GLU A 277 15.70 -31.27 25.48
C GLU A 277 14.84 -32.27 24.74
N LYS A 278 14.95 -32.31 23.41
CA LYS A 278 14.08 -33.15 22.60
C LYS A 278 14.52 -34.61 22.61
N ILE A 279 15.83 -34.85 22.67
CA ILE A 279 16.35 -36.22 22.59
C ILE A 279 16.07 -37.02 23.85
N MET A 280 15.75 -36.36 24.96
CA MET A 280 15.58 -37.07 26.22
C MET A 280 14.24 -37.77 26.34
N TYR A 281 13.27 -37.44 25.52
CA TYR A 281 12.00 -38.16 25.58
C TYR A 281 11.54 -38.68 24.23
N SER A 282 11.75 -37.94 23.14
CA SER A 282 11.47 -38.41 21.80
C SER A 282 12.78 -38.78 21.11
N HIS A 283 12.76 -39.85 20.33
CA HIS A 283 13.97 -40.43 19.81
C HIS A 283 14.20 -40.04 18.35
N LEU A 284 15.39 -40.41 17.85
CA LEU A 284 15.74 -40.23 16.46
C LEU A 284 15.48 -41.48 15.63
N VAL A 285 15.46 -42.65 16.27
CA VAL A 285 15.36 -43.91 15.55
C VAL A 285 13.98 -44.09 14.93
N ASP A 286 12.95 -43.47 15.51
CA ASP A 286 11.60 -43.60 14.98
C ASP A 286 11.44 -42.86 13.66
N TYR A 287 12.16 -41.75 13.50
CA TYR A 287 12.07 -40.94 12.29
C TYR A 287 13.24 -41.15 11.35
N PHE A 288 14.21 -41.96 11.74
CA PHE A 288 15.30 -42.34 10.85
C PHE A 288 15.69 -43.78 11.19
N PRO A 289 15.40 -44.73 10.29
CA PRO A 289 15.64 -46.14 10.63
C PRO A 289 17.11 -46.54 10.62
N GLU A 290 18.00 -45.74 10.07
CA GLU A 290 19.40 -46.12 9.97
C GLU A 290 20.23 -45.63 11.16
N TYR A 291 19.61 -45.25 12.26
CA TYR A 291 20.36 -44.76 13.42
C TYR A 291 20.72 -45.92 14.32
N ASP A 292 22.00 -46.31 14.29
CA ASP A 292 22.44 -47.45 15.09
C ASP A 292 22.83 -47.02 16.50
N GLY A 293 22.95 -45.72 16.74
CA GLY A 293 23.43 -45.19 17.99
C GLY A 293 22.51 -45.42 19.16
N PRO A 294 23.01 -45.22 20.38
CA PRO A 294 22.18 -45.41 21.57
C PRO A 294 21.18 -44.28 21.75
N GLN A 295 20.21 -44.50 22.62
CA GLN A 295 19.19 -43.50 22.87
C GLN A 295 19.63 -42.53 23.95
N ARG A 296 18.97 -41.36 23.96
CA ARG A 296 19.17 -40.27 24.91
C ARG A 296 20.60 -39.73 24.89
N ASP A 297 21.27 -39.78 23.74
CA ASP A 297 22.67 -39.38 23.61
C ASP A 297 22.75 -38.19 22.67
N ALA A 298 22.80 -36.98 23.24
CA ALA A 298 22.80 -35.77 22.45
C ALA A 298 24.12 -35.51 21.75
N GLN A 299 25.19 -36.21 22.16
CA GLN A 299 26.48 -36.04 21.48
C GLN A 299 26.62 -37.00 20.31
N ALA A 300 26.14 -38.23 20.47
CA ALA A 300 26.24 -39.22 19.38
C ALA A 300 25.23 -38.93 18.28
N ALA A 301 24.05 -38.42 18.63
CA ALA A 301 23.10 -38.01 17.61
C ALA A 301 23.53 -36.73 16.91
N ARG A 302 24.37 -35.93 17.55
CA ARG A 302 24.89 -34.73 16.90
C ARG A 302 25.85 -35.07 15.77
N GLU A 303 26.57 -36.20 15.90
CA GLU A 303 27.45 -36.63 14.83
C GLU A 303 26.66 -37.25 13.68
N PHE A 304 25.57 -37.94 13.99
CA PHE A 304 24.84 -38.68 12.97
C PHE A 304 24.11 -37.76 12.01
N ILE A 305 23.56 -36.65 12.51
CA ILE A 305 22.98 -35.67 11.61
C ILE A 305 24.07 -34.98 10.81
N LEU A 306 25.24 -34.78 11.40
CA LEU A 306 26.37 -34.33 10.59
C LEU A 306 26.86 -35.42 9.66
N LYS A 307 26.69 -36.68 10.04
CA LYS A 307 26.96 -37.76 9.10
C LYS A 307 25.91 -37.81 8.00
N MET A 308 24.69 -37.37 8.30
CA MET A 308 23.64 -37.39 7.31
C MET A 308 23.82 -36.29 6.27
N PHE A 309 24.35 -35.14 6.66
CA PHE A 309 24.44 -34.01 5.74
C PHE A 309 25.72 -34.01 4.92
N VAL A 310 26.84 -34.47 5.50
CA VAL A 310 28.12 -34.46 4.81
C VAL A 310 28.14 -35.48 3.69
N ASP A 311 27.50 -36.64 3.92
CA ASP A 311 27.46 -37.73 2.95
C ASP A 311 26.70 -37.41 1.66
N LEU A 312 26.01 -36.27 1.60
CA LEU A 312 25.36 -35.83 0.37
C LEU A 312 26.26 -34.93 -0.45
N ASN A 313 27.49 -35.37 -0.69
CA ASN A 313 28.47 -34.60 -1.47
C ASN A 313 29.05 -35.55 -2.50
N PRO A 314 28.74 -35.34 -3.80
CA PRO A 314 29.27 -36.26 -4.83
C PRO A 314 30.76 -36.11 -5.07
N ASP A 315 31.31 -34.92 -4.84
CA ASP A 315 32.72 -34.65 -5.04
C ASP A 315 33.40 -34.59 -3.68
N SER A 316 34.41 -35.43 -3.47
CA SER A 316 35.15 -35.46 -2.23
C SER A 316 36.29 -34.45 -2.19
N ASP A 317 36.65 -33.87 -3.33
CA ASP A 317 37.70 -32.87 -3.36
C ASP A 317 37.23 -31.55 -2.75
N LYS A 318 35.97 -31.19 -2.96
CA LYS A 318 35.38 -30.05 -2.30
C LYS A 318 34.88 -30.46 -0.93
N ILE A 319 35.37 -29.79 0.11
CA ILE A 319 35.01 -30.12 1.48
C ILE A 319 34.05 -29.07 2.01
N ILE A 320 33.32 -29.44 3.05
CA ILE A 320 32.26 -28.62 3.65
C ILE A 320 32.64 -28.36 5.10
N TYR A 321 32.80 -27.09 5.45
CA TYR A 321 33.18 -26.70 6.81
C TYR A 321 31.95 -26.69 7.69
N SER A 322 31.88 -27.62 8.63
CA SER A 322 30.70 -27.82 9.47
C SER A 322 30.90 -27.15 10.83
N HIS A 323 29.81 -26.60 11.37
CA HIS A 323 29.85 -25.92 12.66
C HIS A 323 28.52 -26.11 13.36
N PHE A 324 28.54 -26.74 14.53
CA PHE A 324 27.38 -26.70 15.40
C PHE A 324 27.33 -25.34 16.06
N THR A 325 26.12 -24.83 16.29
CA THR A 325 25.98 -23.49 16.82
C THR A 325 24.69 -23.36 17.60
N CYS A 326 24.52 -22.20 18.23
CA CYS A 326 23.31 -21.86 18.98
C CYS A 326 23.07 -20.39 18.74
N ALA A 327 22.00 -20.05 18.02
CA ALA A 327 21.89 -18.72 17.46
C ALA A 327 21.52 -17.65 18.47
N THR A 328 21.12 -18.00 19.68
CA THR A 328 20.80 -16.99 20.70
C THR A 328 21.86 -16.90 21.77
N ASP A 329 22.94 -17.67 21.68
CA ASP A 329 24.06 -17.56 22.60
C ASP A 329 25.12 -16.71 21.92
N THR A 330 25.31 -15.48 22.41
CA THR A 330 26.19 -14.52 21.74
C THR A 330 27.66 -14.94 21.81
N GLU A 331 28.05 -15.69 22.85
CA GLU A 331 29.39 -16.25 22.86
C GLU A 331 29.52 -17.38 21.84
N ASN A 332 28.47 -18.17 21.66
CA ASN A 332 28.53 -19.27 20.70
C ASN A 332 28.30 -18.84 19.27
N ILE A 333 28.10 -17.55 19.02
CA ILE A 333 28.14 -17.01 17.67
C ILE A 333 29.49 -16.33 17.48
N ARG A 334 29.98 -15.69 18.55
CA ARG A 334 31.27 -15.00 18.48
C ARG A 334 32.42 -16.00 18.33
N PHE A 335 32.29 -17.17 18.93
CA PHE A 335 33.33 -18.18 18.79
C PHE A 335 33.28 -18.82 17.40
N VAL A 336 32.09 -18.96 16.83
CA VAL A 336 31.94 -19.69 15.58
C VAL A 336 32.26 -18.78 14.40
N PHE A 337 31.73 -17.55 14.42
CA PHE A 337 31.93 -16.64 13.29
C PHE A 337 33.37 -16.19 13.16
N ALA A 338 34.11 -16.17 14.28
CA ALA A 338 35.54 -15.91 14.20
C ALA A 338 36.28 -17.06 13.53
N ALA A 339 35.76 -18.28 13.65
CA ALA A 339 36.33 -19.40 12.91
C ALA A 339 35.85 -19.44 11.47
N VAL A 340 34.73 -18.75 11.17
CA VAL A 340 34.26 -18.65 9.79
C VAL A 340 34.98 -17.51 9.08
N LYS A 341 35.20 -16.38 9.77
CA LYS A 341 35.85 -15.22 9.18
C LYS A 341 37.29 -15.52 8.79
N ASP A 342 38.00 -16.35 9.55
CA ASP A 342 39.33 -16.77 9.12
C ASP A 342 39.26 -17.84 8.05
N THR A 343 38.15 -18.57 7.95
CA THR A 343 38.02 -19.60 6.91
C THR A 343 37.75 -18.96 5.56
N ILE A 344 36.95 -17.89 5.53
CA ILE A 344 36.67 -17.20 4.28
C ILE A 344 37.90 -16.42 3.82
N LEU A 345 38.60 -15.77 4.75
CA LEU A 345 39.73 -14.93 4.36
C LEU A 345 40.94 -15.74 3.94
N GLN A 346 41.06 -16.98 4.41
CA GLN A 346 42.20 -17.81 4.01
C GLN A 346 42.01 -18.33 2.60
N LEU A 347 40.81 -18.79 2.27
CA LEU A 347 40.52 -19.29 0.93
C LEU A 347 40.47 -18.18 -0.11
N ASN A 348 40.13 -16.96 0.29
CA ASN A 348 40.07 -15.84 -0.64
C ASN A 348 41.35 -15.01 -0.59
N LEU B 13 -8.67 1.68 8.75
CA LEU B 13 -9.70 2.40 8.01
C LEU B 13 -11.08 1.91 8.40
N GLU B 14 -11.94 2.83 8.75
CA GLU B 14 -13.25 2.43 9.22
C GLU B 14 -14.26 2.48 8.08
N PRO B 15 -15.27 1.62 8.10
CA PRO B 15 -16.36 1.74 7.14
C PRO B 15 -17.16 3.00 7.39
N PRO B 16 -17.77 3.58 6.34
CA PRO B 16 -18.42 4.89 6.50
C PRO B 16 -19.71 4.84 7.31
N THR B 17 -19.58 4.88 8.62
CA THR B 17 -20.74 4.92 9.50
C THR B 17 -21.30 6.34 9.54
N VAL B 18 -22.63 6.42 9.63
CA VAL B 18 -23.35 7.70 9.67
C VAL B 18 -23.82 7.92 11.10
N VAL B 19 -23.44 9.07 11.67
CA VAL B 19 -23.96 9.45 12.98
C VAL B 19 -25.44 9.80 12.84
N GLU B 20 -26.24 9.40 13.83
CA GLU B 20 -27.69 9.43 13.78
C GLU B 20 -28.30 10.81 13.58
N THR B 21 -27.58 11.90 13.89
CA THR B 21 -28.10 13.22 13.58
C THR B 21 -28.00 13.56 12.10
N LEU B 22 -27.27 12.77 11.32
CA LEU B 22 -27.21 12.93 9.88
C LEU B 22 -28.19 12.03 9.17
N ARG B 23 -28.94 11.22 9.89
CA ARG B 23 -29.93 10.33 9.31
C ARG B 23 -31.36 10.77 9.58
N ARG B 24 -31.61 11.39 10.74
CA ARG B 24 -32.92 11.94 11.03
C ARG B 24 -33.16 13.22 10.24
N GLY B 25 -32.13 14.04 10.09
CA GLY B 25 -32.21 15.19 9.23
C GLY B 25 -32.56 16.50 9.90
N SER B 26 -31.61 17.43 9.92
CA SER B 26 -31.83 18.74 10.51
C SER B 26 -32.30 19.70 9.40
N LYS B 27 -32.61 20.94 9.78
CA LYS B 27 -33.20 21.90 8.86
C LYS B 27 -32.25 23.05 8.61
N PHE B 28 -31.92 23.27 7.35
CA PHE B 28 -31.08 24.38 6.93
C PHE B 28 -31.87 25.32 6.05
N ILE B 29 -31.49 26.61 6.07
CA ILE B 29 -32.02 27.56 5.13
C ILE B 29 -31.02 27.67 3.98
N LYS B 30 -31.24 26.88 2.93
CA LYS B 30 -30.32 26.88 1.80
C LYS B 30 -30.46 28.18 1.02
N TRP B 31 -29.35 28.86 0.78
CA TRP B 31 -29.36 30.13 0.08
C TRP B 31 -28.30 30.13 -1.00
N ASP B 32 -28.60 30.83 -2.09
CA ASP B 32 -27.65 31.03 -3.16
C ASP B 32 -27.52 32.51 -3.46
N GLU B 33 -26.30 32.93 -3.75
CA GLU B 33 -26.02 34.31 -4.07
C GLU B 33 -26.54 34.65 -5.46
N ARG B 38 -33.62 31.44 0.14
CA ARG B 38 -34.49 31.65 1.29
C ARG B 38 -35.44 30.49 1.49
N ASN B 39 -35.32 29.47 0.65
CA ASN B 39 -36.14 28.28 0.78
C ASN B 39 -35.58 27.35 1.83
N LEU B 40 -36.47 26.74 2.60
CA LEU B 40 -36.10 25.93 3.76
C LEU B 40 -36.12 24.45 3.38
N VAL B 41 -34.98 23.79 3.55
CA VAL B 41 -34.83 22.39 3.21
C VAL B 41 -34.37 21.61 4.43
N THR B 42 -34.52 20.30 4.38
CA THR B 42 -34.08 19.38 5.43
C THR B 42 -33.06 18.42 4.85
N LEU B 43 -31.79 18.60 5.19
CA LEU B 43 -30.74 17.75 4.64
C LEU B 43 -30.69 16.40 5.35
N ARG B 44 -30.56 15.34 4.58
CA ARG B 44 -30.41 14.00 5.13
C ARG B 44 -29.30 13.27 4.40
N VAL B 45 -28.72 12.28 5.07
CA VAL B 45 -27.80 11.35 4.43
C VAL B 45 -28.40 9.97 4.57
N ASP B 46 -28.41 9.20 3.48
CA ASP B 46 -28.99 7.87 3.48
C ASP B 46 -28.18 6.95 4.39
N PRO B 47 -28.80 5.90 4.95
CA PRO B 47 -28.12 5.10 5.98
C PRO B 47 -26.89 4.31 5.53
N ASN B 48 -26.54 4.30 4.25
CA ASN B 48 -25.28 3.68 3.85
C ASN B 48 -24.13 4.67 3.78
N GLY B 49 -24.42 5.97 3.75
CA GLY B 49 -23.37 6.97 3.62
C GLY B 49 -23.04 7.28 2.18
N PHE B 50 -24.06 7.35 1.33
CA PHE B 50 -23.89 7.49 -0.11
C PHE B 50 -24.23 8.87 -0.64
N PHE B 51 -25.41 9.40 -0.33
CA PHE B 51 -25.87 10.63 -0.93
C PHE B 51 -26.27 11.63 0.13
N LEU B 52 -26.40 12.89 -0.28
CA LEU B 52 -26.89 13.96 0.57
C LEU B 52 -28.06 14.59 -0.14
N TYR B 53 -29.28 14.28 0.30
CA TYR B 53 -30.47 14.66 -0.43
C TYR B 53 -31.35 15.57 0.42
N TRP B 54 -32.01 16.51 -0.24
CA TRP B 54 -32.87 17.45 0.45
C TRP B 54 -34.09 17.74 -0.39
N THR B 55 -35.23 17.91 0.26
CA THR B 55 -36.49 18.20 -0.43
C THR B 55 -36.41 19.59 -1.03
N GLY B 56 -36.26 19.66 -2.35
CA GLY B 56 -35.98 20.91 -3.03
C GLY B 56 -37.15 21.87 -3.06
N PRO B 57 -36.96 23.00 -3.75
CA PRO B 57 -38.03 24.02 -3.77
C PRO B 57 -39.23 23.62 -4.60
N ASN B 58 -39.03 22.76 -5.59
CA ASN B 58 -40.12 22.28 -6.44
C ASN B 58 -40.72 20.98 -5.93
N MET B 59 -40.55 20.68 -4.63
CA MET B 59 -40.96 19.42 -3.99
C MET B 59 -40.33 18.20 -4.66
N GLU B 60 -39.14 18.39 -5.23
CA GLU B 60 -38.38 17.34 -5.88
C GLU B 60 -36.96 17.40 -5.33
N VAL B 61 -36.41 16.24 -5.01
CA VAL B 61 -35.14 16.17 -4.30
C VAL B 61 -33.99 16.34 -5.28
N ASP B 62 -32.86 16.84 -4.79
CA ASP B 62 -31.65 17.03 -5.57
C ASP B 62 -30.50 16.44 -4.79
N THR B 63 -29.98 15.32 -5.25
CA THR B 63 -28.94 14.60 -4.52
C THR B 63 -27.56 15.05 -4.95
N LEU B 64 -26.79 15.58 -4.01
CA LEU B 64 -25.38 15.84 -4.20
C LEU B 64 -24.61 14.62 -3.72
N ASP B 65 -23.72 14.11 -4.56
CA ASP B 65 -23.03 12.87 -4.24
C ASP B 65 -21.99 13.15 -3.17
N ILE B 66 -21.92 12.27 -2.16
CA ILE B 66 -21.00 12.47 -1.06
C ILE B 66 -19.58 12.19 -1.50
N SER B 67 -19.38 11.20 -2.36
CA SER B 67 -18.03 10.86 -2.78
C SER B 67 -17.44 11.84 -3.79
N SER B 68 -18.14 12.92 -4.15
CA SER B 68 -17.58 13.97 -4.98
C SER B 68 -17.52 15.30 -4.24
N ILE B 69 -17.59 15.30 -2.92
CA ILE B 69 -17.45 16.52 -2.14
C ILE B 69 -15.96 16.76 -1.90
N ARG B 70 -15.48 17.95 -2.24
CA ARG B 70 -14.08 18.27 -1.96
C ARG B 70 -13.87 18.65 -0.51
N ASP B 71 -14.71 19.53 0.02
CA ASP B 71 -14.50 20.07 1.36
C ASP B 71 -15.85 20.57 1.86
N THR B 72 -16.01 20.60 3.19
CA THR B 72 -17.15 21.24 3.84
C THR B 72 -16.61 22.25 4.83
N ARG B 73 -16.68 23.53 4.50
CA ARG B 73 -16.19 24.57 5.39
C ARG B 73 -17.32 25.12 6.23
N THR B 74 -16.97 25.69 7.37
CA THR B 74 -17.94 26.30 8.27
C THR B 74 -17.26 27.43 9.02
N GLY B 75 -18.00 28.08 9.90
CA GLY B 75 -17.44 29.13 10.73
C GLY B 75 -17.10 30.37 9.93
N ARG B 76 -15.97 31.00 10.23
CA ARG B 76 -15.53 32.15 9.45
C ARG B 76 -14.81 31.77 8.17
N TYR B 77 -14.58 30.48 7.95
CA TYR B 77 -13.99 30.01 6.70
C TYR B 77 -15.02 29.76 5.62
N ALA B 78 -16.31 29.92 5.92
CA ALA B 78 -17.36 29.73 4.93
C ALA B 78 -17.60 31.01 4.16
N ARG B 79 -18.31 30.88 3.05
CA ARG B 79 -18.57 32.02 2.17
C ARG B 79 -19.69 32.88 2.74
N LEU B 80 -19.42 34.16 2.91
CA LEU B 80 -20.32 35.13 3.51
C LEU B 80 -21.28 35.69 2.46
N PRO B 81 -22.48 36.09 2.88
CA PRO B 81 -23.41 36.73 1.93
C PRO B 81 -22.98 38.14 1.58
N LYS B 82 -23.06 38.48 0.29
CA LYS B 82 -22.69 39.80 -0.21
C LYS B 82 -23.88 40.57 -0.77
N ASP B 83 -24.99 39.92 -1.05
CA ASP B 83 -26.20 40.61 -1.49
C ASP B 83 -26.88 41.24 -0.28
N PRO B 84 -27.18 42.55 -0.31
CA PRO B 84 -27.96 43.14 0.79
C PRO B 84 -29.37 42.60 0.89
N LYS B 85 -29.92 42.07 -0.21
CA LYS B 85 -31.23 41.44 -0.15
C LYS B 85 -31.20 40.11 0.60
N ILE B 86 -30.08 39.37 0.50
CA ILE B 86 -30.01 38.07 1.15
C ILE B 86 -29.38 38.19 2.54
N ARG B 87 -28.74 39.32 2.81
CA ARG B 87 -28.11 39.50 4.12
C ARG B 87 -29.14 39.84 5.18
N GLU B 88 -30.14 40.65 4.81
CA GLU B 88 -31.13 41.11 5.79
C GLU B 88 -32.15 40.02 6.09
N VAL B 89 -32.46 39.18 5.11
CA VAL B 89 -33.49 38.16 5.31
C VAL B 89 -32.93 36.98 6.10
N LEU B 90 -31.61 36.78 6.05
CA LEU B 90 -31.00 35.72 6.85
C LEU B 90 -30.95 36.13 8.33
N GLY B 91 -30.74 37.42 8.61
CA GLY B 91 -30.80 37.92 9.96
C GLY B 91 -29.58 38.68 10.43
N PHE B 92 -28.71 39.15 9.54
CA PHE B 92 -27.52 39.88 9.97
C PHE B 92 -27.87 41.31 10.38
N ALA B 97 -20.88 38.87 16.20
CA ALA B 97 -21.70 38.18 15.22
C ALA B 97 -21.82 36.69 15.53
N ARG B 98 -22.98 36.29 16.03
CA ARG B 98 -23.27 34.88 16.26
C ARG B 98 -23.65 34.15 14.98
N LEU B 99 -23.97 34.88 13.92
CA LEU B 99 -24.42 34.29 12.68
C LEU B 99 -23.27 33.88 11.77
N GLU B 100 -22.04 34.01 12.24
CA GLU B 100 -20.90 33.49 11.49
C GLU B 100 -20.58 32.05 11.84
N GLU B 101 -21.15 31.53 12.94
CA GLU B 101 -20.88 30.17 13.36
C GLU B 101 -21.92 29.19 12.90
N LYS B 102 -22.91 29.63 12.13
CA LYS B 102 -23.96 28.76 11.62
C LYS B 102 -23.83 28.44 10.13
N LEU B 103 -23.00 29.16 9.40
CA LEU B 103 -22.91 29.01 7.97
C LEU B 103 -22.13 27.76 7.59
N MET B 104 -22.67 26.98 6.66
CA MET B 104 -22.01 25.77 6.17
C MET B 104 -21.92 25.86 4.66
N THR B 105 -20.72 25.65 4.14
CA THR B 105 -20.46 25.72 2.70
C THR B 105 -19.90 24.39 2.27
N VAL B 106 -20.58 23.73 1.34
CA VAL B 106 -20.13 22.46 0.79
C VAL B 106 -19.63 22.73 -0.62
N VAL B 107 -18.34 22.56 -0.84
CA VAL B 107 -17.74 22.78 -2.15
C VAL B 107 -17.44 21.44 -2.79
N SER B 108 -17.94 21.24 -4.00
CA SER B 108 -17.83 19.95 -4.69
C SER B 108 -17.54 20.21 -6.16
N GLY B 109 -16.84 19.27 -6.78
CA GLY B 109 -16.51 19.40 -8.17
C GLY B 109 -15.80 18.19 -8.76
N PRO B 110 -15.91 18.03 -10.08
CA PRO B 110 -15.18 16.93 -10.73
C PRO B 110 -13.70 17.23 -10.95
N ASP B 111 -13.30 18.48 -10.92
CA ASP B 111 -11.91 18.90 -11.06
C ASP B 111 -11.65 20.08 -10.13
N PRO B 112 -10.39 20.30 -9.73
CA PRO B 112 -10.11 21.44 -8.85
C PRO B 112 -10.24 22.79 -9.53
N VAL B 113 -10.35 22.85 -10.86
CA VAL B 113 -10.50 24.14 -11.53
C VAL B 113 -11.94 24.62 -11.43
N ASN B 114 -12.91 23.75 -11.69
CA ASN B 114 -14.33 24.11 -11.66
C ASN B 114 -14.98 23.44 -10.45
N THR B 115 -15.30 24.23 -9.44
CA THR B 115 -15.95 23.75 -8.23
C THR B 115 -17.32 24.38 -8.11
N VAL B 116 -18.29 23.60 -7.65
CA VAL B 116 -19.66 24.04 -7.46
C VAL B 116 -19.90 24.23 -5.97
N PHE B 117 -20.05 25.48 -5.55
CA PHE B 117 -20.32 25.77 -4.15
C PHE B 117 -21.78 25.46 -3.83
N LEU B 118 -22.02 25.04 -2.59
CA LEU B 118 -23.37 24.85 -2.07
C LEU B 118 -23.43 25.48 -0.68
N ASN B 119 -24.13 26.60 -0.56
CA ASN B 119 -24.17 27.36 0.68
C ASN B 119 -25.38 26.98 1.50
N PHE B 120 -25.18 26.82 2.80
CA PHE B 120 -26.27 26.58 3.73
C PHE B 120 -26.09 27.46 4.95
N MET B 121 -27.21 27.79 5.60
CA MET B 121 -27.20 28.46 6.90
C MET B 121 -28.25 27.79 7.78
N ALA B 122 -27.82 27.29 8.93
CA ALA B 122 -28.70 26.53 9.79
C ALA B 122 -29.69 27.46 10.52
N VAL B 123 -30.68 26.85 11.15
CA VAL B 123 -31.62 27.59 11.98
C VAL B 123 -31.49 27.20 13.46
N GLN B 124 -31.11 25.97 13.76
CA GLN B 124 -30.83 25.57 15.14
C GLN B 124 -29.40 25.91 15.50
N ASP B 125 -29.10 25.85 16.79
CA ASP B 125 -27.78 26.18 17.29
C ASP B 125 -26.94 24.92 17.45
N ASP B 126 -25.62 25.09 17.27
CA ASP B 126 -24.60 24.06 17.47
C ASP B 126 -24.81 22.83 16.59
N THR B 127 -25.44 23.00 15.42
CA THR B 127 -25.66 21.88 14.52
C THR B 127 -24.88 22.01 13.22
N ALA B 128 -24.34 23.19 12.91
CA ALA B 128 -23.55 23.35 11.69
C ALA B 128 -22.17 22.74 11.81
N LYS B 129 -21.70 22.49 13.03
CA LYS B 129 -20.36 21.94 13.21
C LYS B 129 -20.36 20.43 13.36
N VAL B 130 -21.44 19.85 13.86
CA VAL B 130 -21.53 18.39 13.85
C VAL B 130 -21.80 17.91 12.44
N TRP B 131 -22.43 18.73 11.61
CA TRP B 131 -22.67 18.38 10.22
C TRP B 131 -21.36 18.41 9.44
N SER B 132 -20.73 19.58 9.33
CA SER B 132 -19.63 19.79 8.42
C SER B 132 -18.34 19.11 8.86
N GLU B 133 -18.29 18.56 10.07
CA GLU B 133 -17.19 17.68 10.43
C GLU B 133 -17.49 16.25 10.01
N GLU B 134 -18.71 15.78 10.28
CA GLU B 134 -19.10 14.43 9.89
C GLU B 134 -19.33 14.31 8.40
N LEU B 135 -19.66 15.40 7.72
CA LEU B 135 -19.82 15.37 6.27
C LEU B 135 -18.49 15.27 5.56
N PHE B 136 -17.41 15.68 6.21
CA PHE B 136 -16.07 15.58 5.65
C PHE B 136 -15.42 14.24 5.94
N LYS B 137 -15.86 13.53 6.97
CA LYS B 137 -15.33 12.19 7.19
C LYS B 137 -15.90 11.18 6.20
N LEU B 138 -17.15 11.36 5.77
CA LEU B 138 -17.72 10.48 4.76
C LEU B 138 -17.19 10.79 3.37
N ALA B 139 -16.87 12.06 3.11
CA ALA B 139 -16.38 12.47 1.81
C ALA B 139 -14.88 12.32 1.65
N MET B 140 -14.18 11.93 2.71
CA MET B 140 -12.74 11.65 2.66
C MET B 140 -12.44 10.31 3.29
N ASN B 141 -13.28 9.31 3.02
CA ASN B 141 -13.06 7.98 3.54
C ASN B 141 -12.42 7.10 2.49
N ILE B 142 -11.59 6.17 2.95
CA ILE B 142 -10.81 5.34 2.05
C ILE B 142 -11.54 4.03 1.73
N LEU B 143 -12.29 3.48 2.68
CA LEU B 143 -13.07 2.29 2.41
C LEU B 143 -14.36 2.55 1.65
N ALA B 144 -14.73 3.82 1.46
CA ALA B 144 -15.83 4.15 0.56
C ALA B 144 -15.36 4.45 -0.84
N GLN B 145 -14.14 4.96 -0.99
CA GLN B 145 -13.59 5.24 -2.31
C GLN B 145 -13.10 3.99 -3.00
N ASN B 146 -12.44 3.09 -2.25
CA ASN B 146 -11.96 1.82 -2.77
C ASN B 146 -12.90 0.68 -2.46
N ALA B 147 -14.20 0.95 -2.38
CA ALA B 147 -15.17 -0.07 -2.02
C ALA B 147 -15.37 -1.04 -3.17
N SER B 148 -16.08 -2.12 -2.89
CA SER B 148 -16.17 -3.24 -3.82
C SER B 148 -17.10 -2.92 -4.98
N ARG B 149 -17.31 -3.90 -5.84
CA ARG B 149 -18.23 -3.70 -6.96
C ARG B 149 -19.68 -3.74 -6.50
N ASN B 150 -20.02 -4.64 -5.58
CA ASN B 150 -21.39 -4.73 -5.09
C ASN B 150 -21.79 -3.50 -4.27
N THR B 151 -20.83 -2.77 -3.71
CA THR B 151 -21.16 -1.52 -3.05
C THR B 151 -21.56 -0.46 -4.06
N PHE B 152 -20.94 -0.46 -5.23
CA PHE B 152 -21.23 0.58 -6.20
C PHE B 152 -22.52 0.31 -6.96
N LEU B 153 -22.91 -0.95 -7.10
CA LEU B 153 -24.23 -1.21 -7.68
C LEU B 153 -25.34 -0.83 -6.71
N ARG B 154 -25.07 -0.92 -5.42
CA ARG B 154 -26.04 -0.48 -4.43
C ARG B 154 -26.13 1.03 -4.40
N LYS B 155 -25.06 1.72 -4.79
CA LYS B 155 -25.08 3.18 -4.84
C LYS B 155 -25.95 3.68 -5.96
N ALA B 156 -25.97 2.97 -7.09
CA ALA B 156 -26.86 3.34 -8.18
C ALA B 156 -28.30 3.00 -7.85
N TYR B 157 -28.53 2.02 -6.98
CA TYR B 157 -29.88 1.71 -6.56
C TYR B 157 -30.42 2.75 -5.59
N THR B 158 -29.55 3.29 -4.73
CA THR B 158 -29.99 4.35 -3.82
C THR B 158 -30.28 5.63 -4.58
N LYS B 159 -29.61 5.84 -5.72
CA LYS B 159 -29.90 6.99 -6.56
C LYS B 159 -31.30 6.93 -7.14
N LEU B 160 -31.80 5.72 -7.43
CA LEU B 160 -33.16 5.59 -7.90
C LEU B 160 -34.18 5.74 -6.78
N LYS B 161 -33.87 5.24 -5.59
CA LYS B 161 -34.82 5.27 -4.49
C LYS B 161 -34.97 6.66 -3.89
N LEU B 162 -33.98 7.52 -4.05
CA LEU B 162 -34.06 8.85 -3.47
C LEU B 162 -34.73 9.83 -4.44
N GLN B 163 -34.31 9.85 -5.69
CA GLN B 163 -34.85 10.78 -6.68
C GLN B 163 -36.24 10.32 -7.12
N VAL B 164 -37.27 10.91 -6.50
CA VAL B 164 -38.65 10.59 -6.80
C VAL B 164 -39.36 11.85 -7.29
N ASN B 165 -40.63 11.71 -7.67
CA ASN B 165 -41.42 12.83 -8.18
C ASN B 165 -42.17 13.51 -7.03
N GLN B 166 -43.16 14.33 -7.38
CA GLN B 166 -43.97 15.03 -6.37
C GLN B 166 -44.78 14.05 -5.53
N ASP B 167 -45.23 12.96 -6.15
CA ASP B 167 -46.10 12.00 -5.48
C ASP B 167 -45.32 11.00 -4.62
N GLY B 168 -44.00 11.02 -4.66
CA GLY B 168 -43.23 10.02 -3.96
C GLY B 168 -43.15 8.69 -4.69
N ARG B 169 -42.87 8.72 -5.99
CA ARG B 169 -42.76 7.51 -6.80
C ARG B 169 -41.57 7.63 -7.74
N ILE B 170 -41.02 6.49 -8.12
CA ILE B 170 -39.90 6.42 -9.04
C ILE B 170 -40.46 6.47 -10.47
N PRO B 171 -40.20 7.52 -11.23
CA PRO B 171 -40.68 7.54 -12.62
C PRO B 171 -39.86 6.60 -13.48
N VAL B 172 -40.48 6.07 -14.53
CA VAL B 172 -39.80 5.08 -15.36
C VAL B 172 -38.78 5.75 -16.27
N LYS B 173 -38.91 7.05 -16.54
CA LYS B 173 -37.88 7.76 -17.29
C LYS B 173 -36.61 7.94 -16.46
N ASN B 174 -36.72 7.83 -15.13
CA ASN B 174 -35.55 7.90 -14.27
C ASN B 174 -34.71 6.63 -14.38
N ILE B 175 -35.37 5.48 -14.54
CA ILE B 175 -34.64 4.23 -14.78
C ILE B 175 -34.14 4.15 -16.21
N LEU B 176 -34.77 4.86 -17.14
CA LEU B 176 -34.40 4.74 -18.55
C LEU B 176 -33.17 5.56 -18.88
N LYS B 177 -32.98 6.69 -18.21
CA LYS B 177 -31.81 7.52 -18.49
C LYS B 177 -30.55 6.92 -17.90
N MET B 178 -30.68 6.03 -16.91
CA MET B 178 -29.52 5.42 -16.27
C MET B 178 -28.86 4.42 -17.19
N PHE B 179 -29.61 3.44 -17.66
CA PHE B 179 -29.11 2.47 -18.63
C PHE B 179 -29.56 2.88 -20.03
N SER B 180 -29.01 4.00 -20.49
CA SER B 180 -29.36 4.55 -21.79
C SER B 180 -28.57 3.92 -22.93
N ALA B 181 -27.89 2.80 -22.69
CA ALA B 181 -27.27 2.04 -23.76
C ALA B 181 -28.26 1.14 -24.48
N ASP B 182 -29.50 1.03 -23.98
CA ASP B 182 -30.57 0.30 -24.64
C ASP B 182 -31.90 0.85 -24.15
N LYS B 183 -32.93 0.74 -24.98
CA LYS B 183 -34.27 1.18 -24.63
C LYS B 183 -35.30 0.06 -24.70
N LYS B 184 -35.29 -0.75 -25.74
CA LYS B 184 -36.30 -1.79 -25.89
C LYS B 184 -36.08 -2.92 -24.90
N ARG B 185 -34.82 -3.22 -24.59
CA ARG B 185 -34.54 -4.31 -23.67
C ARG B 185 -34.87 -3.91 -22.23
N VAL B 186 -34.78 -2.62 -21.93
CA VAL B 186 -35.03 -2.15 -20.56
C VAL B 186 -36.51 -2.22 -20.25
N GLU B 187 -37.35 -1.82 -21.21
CA GLU B 187 -38.79 -1.74 -20.96
C GLU B 187 -39.41 -3.12 -20.83
N THR B 188 -38.85 -4.12 -21.51
CA THR B 188 -39.33 -5.48 -21.34
C THR B 188 -38.68 -6.15 -20.14
N ALA B 189 -37.60 -5.57 -19.61
CA ALA B 189 -36.99 -6.11 -18.40
C ALA B 189 -37.85 -5.81 -17.19
N LEU B 190 -38.43 -4.62 -17.12
CA LEU B 190 -39.33 -4.29 -16.01
C LEU B 190 -40.67 -5.00 -16.16
N GLU B 191 -41.05 -5.30 -17.40
CA GLU B 191 -42.32 -6.00 -17.65
C GLU B 191 -42.26 -7.45 -17.21
N SER B 192 -41.06 -8.04 -17.22
CA SER B 192 -40.90 -9.43 -16.80
C SER B 192 -41.00 -9.57 -15.29
N CYS B 193 -40.58 -8.54 -14.56
CA CYS B 193 -40.67 -8.55 -13.10
C CYS B 193 -42.01 -8.06 -12.58
N GLY B 194 -42.98 -7.83 -13.46
CA GLY B 194 -44.29 -7.39 -13.02
C GLY B 194 -44.36 -5.94 -12.64
N LEU B 195 -43.41 -5.13 -13.09
CA LEU B 195 -43.40 -3.71 -12.75
C LEU B 195 -44.12 -2.91 -13.84
N LYS B 196 -43.96 -1.59 -13.84
CA LYS B 196 -44.58 -0.73 -14.84
C LYS B 196 -43.62 -0.60 -16.02
N PHE B 197 -44.06 -1.05 -17.19
CA PHE B 197 -43.17 -1.09 -18.35
C PHE B 197 -43.27 0.19 -19.18
N ASN B 198 -44.40 0.89 -19.09
CA ASN B 198 -44.60 2.08 -19.91
C ASN B 198 -43.70 3.21 -19.44
N ARG B 199 -43.37 4.13 -20.35
CA ARG B 199 -42.34 5.11 -20.08
C ARG B 199 -42.82 6.21 -19.14
N SER B 200 -44.06 6.67 -19.32
CA SER B 200 -44.56 7.80 -18.56
C SER B 200 -45.33 7.40 -17.31
N GLU B 201 -45.10 6.20 -16.78
CA GLU B 201 -45.75 5.81 -15.52
C GLU B 201 -44.78 5.98 -14.37
N SER B 202 -45.12 5.46 -13.18
CA SER B 202 -44.28 5.69 -12.02
C SER B 202 -44.35 4.49 -11.09
N ILE B 203 -43.19 3.93 -10.75
CA ILE B 203 -43.11 2.85 -9.78
C ILE B 203 -43.09 3.42 -8.37
N ARG B 204 -43.91 2.83 -7.48
CA ARG B 204 -43.82 3.17 -6.06
C ARG B 204 -42.59 2.51 -5.46
N PRO B 205 -41.87 3.17 -4.55
CA PRO B 205 -40.63 2.57 -4.03
C PRO B 205 -40.84 1.44 -3.03
N ASP B 206 -42.09 1.12 -2.70
CA ASP B 206 -42.37 -0.08 -1.92
C ASP B 206 -42.10 -1.33 -2.76
N GLU B 207 -42.57 -1.33 -4.00
CA GLU B 207 -42.44 -2.48 -4.88
C GLU B 207 -41.17 -2.44 -5.71
N PHE B 208 -40.16 -1.70 -5.30
CA PHE B 208 -38.86 -1.69 -5.95
C PHE B 208 -37.77 -1.97 -4.92
N SER B 209 -37.96 -3.02 -4.15
CA SER B 209 -36.95 -3.44 -3.19
C SER B 209 -35.70 -3.93 -3.90
N LEU B 210 -34.58 -3.96 -3.17
CA LEU B 210 -33.28 -4.33 -3.73
C LEU B 210 -33.22 -5.77 -4.21
N GLU B 211 -34.11 -6.64 -3.73
CA GLU B 211 -34.22 -7.98 -4.30
C GLU B 211 -34.70 -7.92 -5.74
N ILE B 212 -35.59 -6.99 -6.07
CA ILE B 212 -36.09 -6.87 -7.43
C ILE B 212 -35.02 -6.27 -8.34
N PHE B 213 -34.23 -5.32 -7.80
CA PHE B 213 -33.16 -4.72 -8.59
C PHE B 213 -32.04 -5.70 -8.87
N GLU B 214 -31.89 -6.74 -8.05
CA GLU B 214 -30.98 -7.81 -8.40
C GLU B 214 -31.50 -8.60 -9.58
N ARG B 215 -32.82 -8.84 -9.63
CA ARG B 215 -33.40 -9.58 -10.74
C ARG B 215 -33.48 -8.72 -11.98
N PHE B 216 -33.50 -7.41 -11.82
CA PHE B 216 -33.51 -6.49 -12.94
C PHE B 216 -32.14 -6.33 -13.57
N LEU B 217 -31.05 -6.41 -12.80
CA LEU B 217 -29.72 -6.43 -13.38
C LEU B 217 -29.28 -7.83 -13.79
N ASN B 218 -30.16 -8.82 -13.69
CA ASN B 218 -29.89 -10.14 -14.22
C ASN B 218 -30.69 -10.41 -15.48
N LYS B 219 -31.91 -9.92 -15.56
CA LYS B 219 -32.72 -10.11 -16.75
C LYS B 219 -32.48 -9.08 -17.78
N LEU B 220 -31.47 -8.22 -17.62
CA LEU B 220 -31.14 -7.18 -18.59
C LEU B 220 -29.72 -7.29 -19.11
N CYS B 221 -28.76 -7.55 -18.22
CA CYS B 221 -27.35 -7.67 -18.61
C CYS B 221 -26.98 -9.15 -18.51
N LEU B 222 -27.10 -9.85 -19.63
CA LEU B 222 -26.76 -11.27 -19.67
C LEU B 222 -25.26 -11.41 -19.91
N ARG B 223 -24.57 -12.08 -18.99
CA ARG B 223 -23.12 -12.16 -19.03
C ARG B 223 -22.67 -13.56 -19.37
N PRO B 224 -22.10 -13.79 -20.55
CA PRO B 224 -21.53 -15.12 -20.88
C PRO B 224 -20.10 -15.32 -20.41
N ASP B 225 -19.47 -14.32 -19.79
CA ASP B 225 -18.08 -14.45 -19.37
C ASP B 225 -17.95 -15.14 -18.02
N ILE B 226 -18.97 -15.01 -17.17
CA ILE B 226 -18.99 -15.74 -15.90
C ILE B 226 -19.21 -17.22 -16.16
N ASP B 227 -19.98 -17.57 -17.19
CA ASP B 227 -20.18 -18.97 -17.54
C ASP B 227 -18.94 -19.61 -18.12
N LYS B 228 -17.98 -18.82 -18.62
CA LYS B 228 -16.69 -19.39 -18.98
C LYS B 228 -15.76 -19.47 -17.77
N ILE B 229 -16.09 -18.76 -16.69
CA ILE B 229 -15.35 -18.92 -15.44
C ILE B 229 -15.84 -20.16 -14.69
N LEU B 230 -17.15 -20.40 -14.69
CA LEU B 230 -17.69 -21.55 -13.97
C LEU B 230 -17.31 -22.86 -14.64
N LEU B 231 -17.28 -22.89 -15.98
CA LEU B 231 -16.86 -24.09 -16.68
C LEU B 231 -15.35 -24.32 -16.60
N GLU B 232 -14.58 -23.29 -16.25
CA GLU B 232 -13.13 -23.44 -16.18
C GLU B 232 -12.69 -24.04 -14.85
N ILE B 233 -13.30 -23.62 -13.74
CA ILE B 233 -12.80 -23.94 -12.42
C ILE B 233 -13.33 -25.29 -11.93
N GLY B 234 -14.06 -25.99 -12.78
CA GLY B 234 -14.38 -27.38 -12.53
C GLY B 234 -15.85 -27.70 -12.44
N ALA B 235 -16.75 -26.76 -12.69
CA ALA B 235 -18.17 -27.07 -12.62
C ALA B 235 -18.68 -27.67 -13.93
N LYS B 236 -18.21 -28.89 -14.24
CA LYS B 236 -18.82 -29.65 -15.33
C LYS B 236 -20.24 -30.05 -14.97
N GLY B 237 -20.48 -30.40 -13.70
CA GLY B 237 -21.82 -30.51 -13.18
C GLY B 237 -22.45 -29.14 -13.12
N LYS B 238 -23.42 -28.89 -13.98
CA LYS B 238 -23.89 -27.55 -14.30
C LYS B 238 -24.49 -26.65 -13.20
N PRO B 239 -25.29 -27.12 -12.21
CA PRO B 239 -26.03 -26.14 -11.41
C PRO B 239 -25.20 -25.36 -10.42
N TYR B 240 -24.34 -26.03 -9.67
CA TYR B 240 -23.76 -25.47 -8.45
C TYR B 240 -22.27 -25.66 -8.43
N LEU B 241 -21.60 -24.84 -7.62
CA LEU B 241 -20.19 -25.01 -7.31
C LEU B 241 -20.05 -25.69 -5.96
N THR B 242 -19.31 -26.79 -5.93
CA THR B 242 -19.10 -27.57 -4.72
C THR B 242 -18.16 -26.78 -3.80
N LEU B 243 -18.27 -26.98 -2.49
CA LEU B 243 -17.41 -26.30 -1.52
C LEU B 243 -15.94 -26.65 -1.70
N GLU B 244 -15.63 -27.89 -2.09
CA GLU B 244 -14.24 -28.27 -2.26
C GLU B 244 -13.62 -27.70 -3.53
N GLN B 245 -14.44 -27.29 -4.49
CA GLN B 245 -13.92 -26.58 -5.65
C GLN B 245 -13.74 -25.11 -5.38
N LEU B 246 -14.48 -24.55 -4.43
CA LEU B 246 -14.44 -23.12 -4.18
C LEU B 246 -13.22 -22.73 -3.36
N MET B 247 -12.76 -23.61 -2.47
CA MET B 247 -11.48 -23.38 -1.82
C MET B 247 -10.35 -23.48 -2.82
N ASP B 248 -10.47 -24.40 -3.78
CA ASP B 248 -9.49 -24.49 -4.86
C ASP B 248 -9.68 -23.41 -5.91
N PHE B 249 -10.74 -22.61 -5.82
CA PHE B 249 -10.82 -21.41 -6.65
C PHE B 249 -10.04 -20.27 -6.04
N ILE B 250 -10.18 -20.06 -4.73
CA ILE B 250 -9.53 -18.92 -4.10
C ILE B 250 -8.06 -19.19 -3.81
N ASN B 251 -7.70 -20.41 -3.42
CA ASN B 251 -6.32 -20.67 -3.04
C ASN B 251 -5.38 -20.79 -4.23
N GLN B 252 -5.90 -20.98 -5.43
CA GLN B 252 -5.07 -21.06 -6.62
C GLN B 252 -5.17 -19.83 -7.51
N LYS B 253 -6.39 -19.45 -7.89
CA LYS B 253 -6.56 -18.37 -8.86
C LYS B 253 -6.50 -17.00 -8.18
N GLN B 254 -7.29 -16.79 -7.13
CA GLN B 254 -7.41 -15.46 -6.56
C GLN B 254 -6.26 -15.08 -5.63
N ARG B 255 -5.42 -16.03 -5.25
CA ARG B 255 -4.37 -15.77 -4.28
C ARG B 255 -3.09 -15.32 -4.97
N ASP B 256 -2.54 -14.20 -4.51
CA ASP B 256 -1.31 -13.63 -5.04
C ASP B 256 -0.13 -14.58 -4.83
N PRO B 257 0.49 -15.09 -5.90
CA PRO B 257 1.55 -16.09 -5.73
C PRO B 257 2.92 -15.54 -5.36
N ARG B 258 3.03 -14.27 -4.98
CA ARG B 258 4.28 -13.74 -4.47
C ARG B 258 4.32 -13.66 -2.95
N LEU B 259 3.19 -13.88 -2.29
CA LEU B 259 3.11 -13.73 -0.85
C LEU B 259 3.73 -14.94 -0.14
N ASN B 260 3.81 -14.84 1.18
CA ASN B 260 4.32 -15.92 2.00
C ASN B 260 3.19 -16.85 2.40
N GLU B 261 3.56 -18.04 2.89
CA GLU B 261 2.57 -19.01 3.34
C GLU B 261 2.44 -19.07 4.85
N VAL B 262 3.18 -18.25 5.59
CA VAL B 262 3.02 -18.13 7.02
C VAL B 262 2.37 -16.80 7.40
N LEU B 263 2.72 -15.73 6.68
CA LEU B 263 2.12 -14.43 6.92
C LEU B 263 0.66 -14.41 6.49
N TYR B 264 0.41 -14.65 5.21
CA TYR B 264 -0.95 -14.75 4.68
C TYR B 264 -1.27 -16.20 4.38
N PRO B 265 -1.95 -16.91 5.27
CA PRO B 265 -2.12 -18.34 5.07
C PRO B 265 -3.30 -18.63 4.15
N PRO B 266 -3.32 -19.79 3.49
CA PRO B 266 -4.46 -20.14 2.66
C PRO B 266 -5.69 -20.48 3.49
N LEU B 267 -6.83 -20.58 2.82
CA LEU B 267 -8.12 -20.70 3.48
C LEU B 267 -8.34 -22.11 4.01
N ARG B 268 -9.30 -22.24 4.92
CA ARG B 268 -9.70 -23.48 5.56
C ARG B 268 -11.15 -23.79 5.20
N PRO B 269 -11.57 -25.08 5.25
CA PRO B 269 -12.97 -25.41 4.95
C PRO B 269 -13.97 -24.85 5.95
N SER B 270 -13.53 -24.58 7.17
CA SER B 270 -14.41 -23.88 8.10
C SER B 270 -14.41 -22.38 7.79
N GLN B 271 -13.33 -21.87 7.22
CA GLN B 271 -13.24 -20.44 6.96
C GLN B 271 -14.02 -20.06 5.71
N ALA B 272 -13.98 -20.90 4.68
CA ALA B 272 -14.66 -20.61 3.41
C ALA B 272 -16.06 -21.19 3.40
N ARG B 273 -16.77 -20.96 4.51
CA ARG B 273 -18.17 -21.36 4.62
C ARG B 273 -18.93 -20.13 5.09
N LEU B 274 -18.19 -19.18 5.65
CA LEU B 274 -18.75 -17.88 5.96
C LEU B 274 -19.04 -17.07 4.71
N LEU B 275 -18.43 -17.44 3.56
CA LEU B 275 -18.77 -16.81 2.29
C LEU B 275 -20.10 -17.31 1.76
N ILE B 276 -20.39 -18.60 1.94
CA ILE B 276 -21.62 -19.16 1.41
C ILE B 276 -22.83 -18.64 2.18
N GLU B 277 -22.69 -18.49 3.50
CA GLU B 277 -23.76 -17.87 4.27
C GLU B 277 -23.85 -16.36 4.06
N LYS B 278 -22.86 -15.76 3.39
CA LYS B 278 -22.88 -14.32 3.13
C LYS B 278 -23.37 -13.98 1.73
N TYR B 279 -23.08 -14.83 0.74
CA TYR B 279 -23.34 -14.50 -0.65
C TYR B 279 -24.40 -15.38 -1.32
N GLU B 280 -24.43 -16.67 -1.01
CA GLU B 280 -25.37 -17.57 -1.66
C GLU B 280 -26.77 -17.36 -1.12
N PRO B 281 -27.75 -17.00 -1.95
CA PRO B 281 -29.09 -16.70 -1.42
C PRO B 281 -30.00 -17.91 -1.30
N ASN B 282 -29.79 -18.92 -2.14
CA ASN B 282 -30.73 -20.03 -2.21
C ASN B 282 -30.54 -21.00 -1.05
N GLN B 283 -31.51 -21.03 -0.14
CA GLN B 283 -31.35 -21.81 1.09
C GLN B 283 -31.44 -23.30 0.83
N GLN B 284 -32.09 -23.70 -0.27
CA GLN B 284 -32.11 -25.12 -0.62
C GLN B 284 -30.79 -25.58 -1.18
N PHE B 285 -29.92 -24.64 -1.58
CA PHE B 285 -28.54 -24.95 -1.96
C PHE B 285 -27.53 -24.51 -0.91
N LEU B 286 -27.94 -23.69 0.05
CA LEU B 286 -27.05 -23.25 1.11
C LEU B 286 -26.81 -24.32 2.16
N GLU B 287 -27.79 -25.19 2.42
CA GLU B 287 -27.65 -26.20 3.44
C GLU B 287 -26.75 -27.36 3.00
N ARG B 288 -26.50 -27.49 1.70
CA ARG B 288 -25.67 -28.56 1.17
C ARG B 288 -24.25 -28.11 0.85
N ASP B 289 -23.87 -26.89 1.31
CA ASP B 289 -22.53 -26.29 1.11
C ASP B 289 -22.18 -26.18 -0.37
N GLN B 290 -23.12 -25.65 -1.16
CA GLN B 290 -22.94 -25.50 -2.59
C GLN B 290 -23.31 -24.08 -2.99
N MET B 291 -22.50 -23.46 -3.85
CA MET B 291 -22.75 -22.11 -4.31
C MET B 291 -23.24 -22.13 -5.75
N SER B 292 -24.36 -21.44 -6.00
CA SER B 292 -24.98 -21.45 -7.32
C SER B 292 -24.31 -20.40 -8.21
N MET B 293 -24.90 -20.17 -9.39
CA MET B 293 -24.36 -19.16 -10.29
C MET B 293 -24.67 -17.75 -9.78
N GLU B 294 -25.89 -17.54 -9.27
CA GLU B 294 -26.23 -16.25 -8.69
C GLU B 294 -25.49 -15.98 -7.40
N GLY B 295 -25.03 -17.04 -6.71
CA GLY B 295 -24.16 -16.84 -5.57
C GLY B 295 -22.72 -16.58 -5.95
N PHE B 296 -22.30 -17.03 -7.13
CA PHE B 296 -20.93 -16.77 -7.57
C PHE B 296 -20.81 -15.43 -8.27
N SER B 297 -21.86 -14.96 -8.93
CA SER B 297 -21.81 -13.65 -9.56
C SER B 297 -21.87 -12.53 -8.53
N ARG B 298 -22.32 -12.82 -7.31
CA ARG B 298 -22.24 -11.83 -6.25
C ARG B 298 -20.88 -11.84 -5.57
N TYR B 299 -20.22 -13.00 -5.54
CA TYR B 299 -18.98 -13.10 -4.77
C TYR B 299 -17.85 -12.35 -5.44
N LEU B 300 -17.84 -12.29 -6.77
CA LEU B 300 -16.77 -11.58 -7.46
C LEU B 300 -16.82 -10.09 -7.21
N GLY B 301 -17.99 -9.55 -6.89
CA GLY B 301 -18.08 -8.16 -6.55
C GLY B 301 -18.09 -7.96 -5.05
N GLY B 302 -17.75 -9.00 -4.31
CA GLY B 302 -17.77 -8.92 -2.86
C GLY B 302 -16.63 -8.08 -2.32
N GLU B 303 -16.68 -7.83 -1.01
CA GLU B 303 -15.63 -7.05 -0.38
C GLU B 303 -14.33 -7.84 -0.24
N GLU B 304 -14.39 -9.16 -0.29
CA GLU B 304 -13.17 -9.95 -0.16
C GLU B 304 -12.40 -10.03 -1.48
N ASN B 305 -13.09 -9.98 -2.60
CA ASN B 305 -12.45 -10.15 -3.91
C ASN B 305 -12.19 -8.80 -4.56
N GLY B 306 -11.32 -8.01 -3.93
CA GLY B 306 -10.93 -6.74 -4.49
C GLY B 306 -9.61 -6.81 -5.22
N ILE B 307 -9.37 -5.84 -6.10
CA ILE B 307 -8.14 -5.80 -6.85
C ILE B 307 -6.97 -5.32 -5.99
N LEU B 308 -7.25 -4.59 -4.90
CA LEU B 308 -6.19 -4.11 -4.02
C LEU B 308 -6.46 -4.53 -2.58
N PRO B 309 -5.44 -4.93 -1.83
CA PRO B 309 -5.67 -5.35 -0.44
C PRO B 309 -5.92 -4.15 0.47
N LEU B 310 -6.25 -4.47 1.72
CA LEU B 310 -6.53 -3.42 2.70
C LEU B 310 -5.25 -2.70 3.13
N GLU B 311 -4.13 -3.41 3.15
CA GLU B 311 -2.87 -2.83 3.62
C GLU B 311 -2.21 -1.91 2.60
N ALA B 312 -2.66 -1.91 1.35
CA ALA B 312 -2.01 -1.09 0.33
C ALA B 312 -2.51 0.34 0.35
N LEU B 313 -3.63 0.60 1.02
CA LEU B 313 -4.29 1.90 0.99
C LEU B 313 -4.06 2.73 2.23
N ASP B 314 -3.98 2.11 3.40
CA ASP B 314 -3.86 2.86 4.63
C ASP B 314 -2.44 3.41 4.80
N LEU B 315 -2.29 4.30 5.79
CA LEU B 315 -1.00 4.91 6.09
C LEU B 315 -0.11 3.86 6.75
N SER B 316 0.54 3.07 5.90
CA SER B 316 1.30 1.92 6.36
C SER B 316 2.77 1.98 5.98
N THR B 317 3.23 3.09 5.42
CA THR B 317 4.61 3.18 4.96
C THR B 317 5.49 3.76 6.05
N ASP B 318 6.73 3.28 6.10
CA ASP B 318 7.72 3.68 7.09
C ASP B 318 8.05 5.15 6.97
N MET B 319 7.63 5.95 7.95
CA MET B 319 7.78 7.39 7.90
C MET B 319 8.95 7.90 8.72
N THR B 320 9.96 7.07 8.96
CA THR B 320 11.11 7.44 9.76
C THR B 320 12.36 7.71 8.95
N GLN B 321 12.35 7.45 7.64
CA GLN B 321 13.44 7.77 6.76
C GLN B 321 13.58 9.27 6.61
N PRO B 322 14.76 9.77 6.19
CA PRO B 322 14.90 11.22 5.98
C PRO B 322 13.98 11.74 4.89
N LEU B 323 13.80 13.06 4.89
CA LEU B 323 12.94 13.72 3.91
C LEU B 323 13.47 13.62 2.50
N SER B 324 14.75 13.32 2.33
CA SER B 324 15.35 13.15 1.02
C SER B 324 15.04 11.81 0.38
N ALA B 325 14.19 10.99 0.98
CA ALA B 325 13.87 9.68 0.45
C ALA B 325 12.37 9.50 0.27
N TYR B 326 11.65 10.54 -0.14
CA TYR B 326 10.21 10.47 -0.30
C TYR B 326 9.77 11.23 -1.53
N PHE B 327 8.97 10.60 -2.38
CA PHE B 327 8.34 11.29 -3.50
C PHE B 327 7.29 12.24 -2.98
N ILE B 328 7.61 13.52 -2.89
CA ILE B 328 6.71 14.52 -2.35
C ILE B 328 5.83 15.03 -3.47
N ASN B 329 4.53 15.09 -3.23
CA ASN B 329 3.60 15.65 -4.20
C ASN B 329 3.84 17.16 -4.30
N SER B 330 3.63 17.73 -5.48
CA SER B 330 4.03 19.11 -5.69
C SER B 330 3.21 19.75 -6.80
N SER B 331 3.29 21.08 -6.86
CA SER B 331 2.51 21.86 -7.81
C SER B 331 3.31 23.08 -8.26
N HIS B 332 3.26 23.37 -9.56
CA HIS B 332 4.01 24.48 -10.14
C HIS B 332 3.03 25.53 -10.62
N ASN B 333 3.23 26.77 -10.16
CA ASN B 333 2.32 27.91 -10.36
C ASN B 333 0.90 27.53 -9.98
N THR B 334 0.74 27.24 -8.69
CA THR B 334 -0.52 26.71 -8.19
C THR B 334 -1.64 27.74 -8.28
N TYR B 335 -1.33 29.02 -8.23
CA TYR B 335 -2.36 30.05 -8.18
C TYR B 335 -3.12 30.22 -9.50
N LEU B 336 -2.66 29.64 -10.59
CA LEU B 336 -3.32 29.84 -11.87
C LEU B 336 -4.50 28.87 -12.05
N THR B 337 -5.45 29.29 -12.88
CA THR B 337 -6.59 28.47 -13.26
C THR B 337 -6.54 27.98 -14.70
N ALA B 338 -5.68 28.56 -15.52
CA ALA B 338 -5.67 28.36 -16.95
C ALA B 338 -4.24 28.49 -17.45
N GLY B 339 -4.08 28.84 -18.72
CA GLY B 339 -2.76 29.08 -19.28
C GLY B 339 -2.00 30.19 -18.58
N GLN B 340 -0.70 30.25 -18.89
CA GLN B 340 0.22 31.13 -18.17
C GLN B 340 0.08 32.59 -18.56
N LEU B 341 -0.71 32.90 -19.58
CA LEU B 341 -0.88 34.29 -20.01
C LEU B 341 -2.31 34.77 -19.89
N ALA B 342 -3.27 34.00 -20.40
CA ALA B 342 -4.62 34.50 -20.52
C ALA B 342 -5.45 34.32 -19.25
N GLY B 343 -5.07 33.39 -18.38
CA GLY B 343 -5.92 32.97 -17.28
C GLY B 343 -6.02 34.01 -16.19
N THR B 344 -6.87 33.68 -15.21
CA THR B 344 -7.05 34.49 -14.02
C THR B 344 -6.62 33.71 -12.80
N SER B 345 -5.77 34.31 -11.98
CA SER B 345 -5.32 33.64 -10.78
C SER B 345 -6.44 33.61 -9.74
N SER B 346 -6.37 32.62 -8.86
CA SER B 346 -7.38 32.48 -7.82
C SER B 346 -6.73 31.95 -6.56
N VAL B 347 -7.26 32.37 -5.42
CA VAL B 347 -6.80 31.85 -4.14
C VAL B 347 -7.37 30.47 -3.89
N GLU B 348 -8.51 30.14 -4.52
CA GLU B 348 -9.18 28.86 -4.32
C GLU B 348 -8.38 27.67 -4.84
N MET B 349 -7.43 27.90 -5.74
CA MET B 349 -6.63 26.79 -6.22
C MET B 349 -5.60 26.33 -5.21
N TYR B 350 -5.34 27.11 -4.17
CA TYR B 350 -4.47 26.60 -3.11
C TYR B 350 -5.23 25.66 -2.19
N ARG B 351 -6.50 25.94 -1.94
CA ARG B 351 -7.29 25.06 -1.10
C ARG B 351 -7.59 23.75 -1.81
N GLN B 352 -7.97 23.82 -3.08
CA GLN B 352 -8.32 22.62 -3.83
C GLN B 352 -7.10 21.77 -4.18
N ALA B 353 -5.90 22.31 -4.05
CA ALA B 353 -4.72 21.49 -4.27
C ALA B 353 -4.27 20.80 -2.98
N LEU B 354 -4.24 21.53 -1.86
CA LEU B 354 -3.73 20.96 -0.62
C LEU B 354 -4.69 19.93 -0.02
N LEU B 355 -5.97 19.99 -0.38
CA LEU B 355 -6.89 18.94 0.05
C LEU B 355 -6.68 17.69 -0.78
N TRP B 356 -6.17 17.84 -2.00
CA TRP B 356 -5.99 16.69 -2.88
C TRP B 356 -4.86 15.81 -2.39
N GLY B 357 -3.91 16.37 -1.65
CA GLY B 357 -2.76 15.62 -1.20
C GLY B 357 -1.48 16.18 -1.79
N CYS B 358 -1.51 17.46 -2.15
CA CYS B 358 -0.33 18.18 -2.60
C CYS B 358 0.39 18.74 -1.39
N ARG B 359 1.73 18.73 -1.43
CA ARG B 359 2.51 19.18 -0.29
C ARG B 359 3.50 20.29 -0.60
N CYS B 360 3.79 20.57 -1.85
CA CYS B 360 4.68 21.66 -2.22
C CYS B 360 3.94 22.61 -3.15
N VAL B 361 3.59 23.79 -2.64
CA VAL B 361 2.89 24.78 -3.43
C VAL B 361 3.87 25.91 -3.76
N GLU B 362 3.53 26.71 -4.76
CA GLU B 362 4.38 27.80 -5.18
C GLU B 362 3.68 29.14 -4.98
N LEU B 363 4.48 30.18 -4.75
CA LEU B 363 3.97 31.52 -4.54
C LEU B 363 4.93 32.49 -5.25
N ASP B 364 4.45 33.18 -6.28
CA ASP B 364 5.25 34.17 -7.00
C ASP B 364 4.87 35.55 -6.48
N VAL B 365 5.63 36.05 -5.52
CA VAL B 365 5.28 37.30 -4.85
C VAL B 365 6.00 38.47 -5.51
N TRP B 366 5.29 39.57 -5.68
CA TRP B 366 5.80 40.76 -6.35
C TRP B 366 5.71 41.97 -5.43
N LYS B 367 6.30 43.09 -5.87
CA LYS B 367 6.26 44.31 -5.09
C LYS B 367 4.92 45.03 -5.29
N GLY B 368 4.36 45.53 -4.19
CA GLY B 368 3.02 46.08 -4.20
C GLY B 368 2.92 47.47 -4.79
N ARG B 369 1.71 48.02 -4.70
CA ARG B 369 1.42 49.36 -5.18
C ARG B 369 2.08 50.41 -4.29
N PRO B 370 2.40 51.58 -4.84
CA PRO B 370 3.03 52.63 -4.03
C PRO B 370 2.15 53.21 -2.93
N PRO B 371 0.82 53.54 -3.15
CA PRO B 371 0.07 54.06 -1.99
C PRO B 371 -0.33 52.99 -1.00
N GLU B 372 -0.79 51.85 -1.51
CA GLU B 372 -1.19 50.73 -0.66
C GLU B 372 -0.13 49.63 -0.71
N GLU B 373 0.85 49.75 0.19
CA GLU B 373 1.95 48.82 0.22
C GLU B 373 1.50 47.47 0.77
N GLU B 374 1.18 46.55 -0.13
CA GLU B 374 0.80 45.19 0.21
C GLU B 374 1.27 44.27 -0.90
N PRO B 375 1.96 43.18 -0.61
CA PRO B 375 2.46 42.32 -1.67
C PRO B 375 1.34 41.51 -2.30
N PHE B 376 1.49 41.18 -3.58
CA PHE B 376 0.49 40.39 -4.27
C PHE B 376 1.17 39.23 -4.98
N ILE B 377 0.34 38.30 -5.46
CA ILE B 377 0.77 37.12 -6.20
C ILE B 377 0.24 37.25 -7.61
N THR B 378 1.13 37.17 -8.59
CA THR B 378 0.74 37.19 -9.99
C THR B 378 1.78 36.45 -10.81
N HIS B 379 1.65 36.54 -12.12
CA HIS B 379 2.65 36.06 -13.04
C HIS B 379 3.39 37.24 -13.65
N GLY B 380 4.63 37.02 -14.04
CA GLY B 380 5.48 38.12 -14.42
C GLY B 380 5.26 38.68 -15.81
N PHE B 381 4.60 39.85 -15.85
CA PHE B 381 4.38 40.63 -17.07
C PHE B 381 3.58 39.87 -18.12
N THR B 382 2.62 39.07 -17.69
CA THR B 382 1.79 38.29 -18.61
C THR B 382 0.32 38.66 -18.54
N MET B 383 -0.01 39.83 -17.97
CA MET B 383 -1.38 40.36 -17.89
C MET B 383 -2.31 39.41 -17.12
N THR B 384 -1.79 38.76 -16.10
CA THR B 384 -2.58 37.91 -15.23
C THR B 384 -3.05 38.72 -14.03
N THR B 385 -4.26 38.42 -13.56
CA THR B 385 -4.84 39.13 -12.43
C THR B 385 -4.06 38.84 -11.15
N GLU B 386 -4.13 39.78 -10.20
CA GLU B 386 -3.28 39.78 -9.02
C GLU B 386 -4.11 39.59 -7.76
N VAL B 387 -3.80 38.55 -6.99
CA VAL B 387 -4.47 38.28 -5.73
C VAL B 387 -3.54 38.71 -4.59
N PRO B 388 -4.06 39.21 -3.47
CA PRO B 388 -3.17 39.66 -2.40
C PRO B 388 -2.56 38.50 -1.64
N LEU B 389 -1.36 38.73 -1.12
CA LEU B 389 -0.61 37.66 -0.47
C LEU B 389 -1.25 37.26 0.86
N ARG B 390 -1.80 38.24 1.58
CA ARG B 390 -2.39 37.97 2.89
C ARG B 390 -3.64 37.11 2.79
N ASP B 391 -4.32 37.11 1.65
CA ASP B 391 -5.42 36.17 1.44
C ASP B 391 -4.91 34.79 1.07
N VAL B 392 -3.76 34.70 0.41
CA VAL B 392 -3.20 33.41 0.05
C VAL B 392 -2.60 32.71 1.25
N LEU B 393 -1.90 33.45 2.11
CA LEU B 393 -1.34 32.85 3.31
C LEU B 393 -2.41 32.43 4.31
N GLU B 394 -3.60 33.03 4.25
CA GLU B 394 -4.72 32.50 5.04
C GLU B 394 -5.24 31.20 4.44
N ALA B 395 -5.06 31.01 3.13
CA ALA B 395 -5.56 29.79 2.50
C ALA B 395 -4.67 28.60 2.87
N ILE B 396 -3.36 28.77 2.81
CA ILE B 396 -2.46 27.67 3.16
C ILE B 396 -2.48 27.40 4.66
N ALA B 397 -2.80 28.42 5.47
CA ALA B 397 -2.89 28.19 6.90
C ALA B 397 -4.12 27.38 7.28
N GLU B 398 -5.19 27.52 6.51
CA GLU B 398 -6.46 26.90 6.89
C GLU B 398 -6.49 25.43 6.53
N THR B 399 -6.11 25.07 5.30
CA THR B 399 -6.31 23.72 4.79
C THR B 399 -5.00 23.01 4.49
N ALA B 400 -3.96 23.26 5.28
CA ALA B 400 -2.72 22.51 5.09
C ALA B 400 -2.88 21.09 5.58
N PHE B 401 -3.39 20.92 6.78
CA PHE B 401 -3.40 19.63 7.45
C PHE B 401 -4.82 19.14 7.67
N LYS B 402 -5.67 19.32 6.66
CA LYS B 402 -7.04 18.83 6.75
C LYS B 402 -7.17 17.41 6.26
N THR B 403 -6.30 16.99 5.34
CA THR B 403 -6.38 15.63 4.81
C THR B 403 -5.18 14.76 5.15
N SER B 404 -4.07 15.36 5.61
CA SER B 404 -2.87 14.62 5.98
C SER B 404 -2.01 15.51 6.86
N PRO B 405 -1.50 15.00 7.96
CA PRO B 405 -0.71 15.86 8.86
C PRO B 405 0.78 15.81 8.60
N TYR B 406 1.23 16.25 7.43
CA TYR B 406 2.61 16.08 7.02
C TYR B 406 3.12 17.40 6.46
N PRO B 407 4.44 17.64 6.48
CA PRO B 407 4.95 18.99 6.25
C PRO B 407 4.74 19.54 4.85
N VAL B 408 4.30 20.80 4.79
CA VAL B 408 4.04 21.51 3.55
C VAL B 408 5.22 22.44 3.28
N ILE B 409 5.69 22.49 2.05
CA ILE B 409 6.89 23.22 1.69
C ILE B 409 6.47 24.39 0.80
N LEU B 410 6.42 25.60 1.37
CA LEU B 410 6.00 26.78 0.61
C LEU B 410 7.14 27.25 -0.27
N SER B 411 7.09 26.92 -1.55
CA SER B 411 8.16 27.34 -2.47
C SER B 411 7.91 28.79 -2.88
N PHE B 412 8.47 29.72 -2.11
CA PHE B 412 8.37 31.13 -2.49
C PHE B 412 9.17 31.43 -3.74
N GLU B 413 8.91 32.61 -4.30
CA GLU B 413 9.73 33.18 -5.36
C GLU B 413 9.69 34.69 -5.16
N ASN B 414 10.73 35.22 -4.52
CA ASN B 414 10.71 36.60 -4.06
C ASN B 414 11.16 37.52 -5.19
N HIS B 415 10.25 38.39 -5.63
CA HIS B 415 10.60 39.45 -6.56
C HIS B 415 10.55 40.82 -5.90
N VAL B 416 10.27 40.87 -4.60
CA VAL B 416 10.06 42.13 -3.88
C VAL B 416 11.42 42.78 -3.67
N ASP B 417 11.69 43.86 -4.41
CA ASP B 417 12.96 44.58 -4.30
C ASP B 417 12.85 45.75 -3.34
N SER B 418 12.07 45.59 -2.29
CA SER B 418 11.99 46.58 -1.21
C SER B 418 12.35 45.88 0.10
N ALA B 419 13.39 46.39 0.75
CA ALA B 419 13.75 45.85 2.06
C ALA B 419 12.73 46.23 3.13
N LYS B 420 11.97 47.30 2.92
CA LYS B 420 10.90 47.65 3.85
C LYS B 420 9.73 46.69 3.71
N GLN B 421 9.33 46.39 2.47
CA GLN B 421 8.16 45.57 2.21
C GLN B 421 8.36 44.10 2.55
N GLN B 422 9.60 43.65 2.72
CA GLN B 422 9.83 42.27 3.10
C GLN B 422 9.45 42.00 4.55
N ALA B 423 9.45 43.02 5.39
CA ALA B 423 9.02 42.83 6.77
C ALA B 423 7.52 42.55 6.86
N LYS B 424 6.75 42.98 5.87
CA LYS B 424 5.33 42.67 5.85
C LYS B 424 5.08 41.22 5.51
N MET B 425 5.79 40.69 4.50
CA MET B 425 5.65 39.27 4.20
C MET B 425 6.43 38.39 5.16
N ALA B 426 7.30 38.96 5.99
CA ALA B 426 7.91 38.18 7.06
C ALA B 426 7.00 38.11 8.27
N GLU B 427 6.29 39.20 8.58
CA GLU B 427 5.38 39.17 9.71
C GLU B 427 4.11 38.40 9.37
N TYR B 428 3.73 38.36 8.10
CA TYR B 428 2.53 37.62 7.70
C TYR B 428 2.71 36.11 7.86
N CYS B 429 3.93 35.62 7.67
CA CYS B 429 4.16 34.20 7.86
C CYS B 429 4.20 33.83 9.34
N ARG B 430 4.56 34.77 10.21
CA ARG B 430 4.65 34.48 11.63
C ARG B 430 3.32 34.70 12.35
N SER B 431 2.48 35.59 11.82
CA SER B 431 1.21 35.90 12.48
C SER B 431 0.09 34.96 12.06
N ILE B 432 0.07 34.54 10.79
CA ILE B 432 -1.01 33.70 10.28
C ILE B 432 -0.73 32.23 10.53
N PHE B 433 0.46 31.75 10.18
CA PHE B 433 0.81 30.36 10.46
C PHE B 433 1.04 30.15 11.95
N GLY B 434 1.87 31.00 12.56
CA GLY B 434 2.02 31.00 13.99
C GLY B 434 2.84 29.85 14.55
N ASP B 435 2.17 28.94 15.25
CA ASP B 435 2.88 27.87 15.94
C ASP B 435 3.41 26.83 14.96
N ALA B 436 2.72 26.63 13.84
CA ALA B 436 3.11 25.58 12.91
C ALA B 436 4.29 25.95 12.05
N LEU B 437 4.65 27.23 11.95
CA LEU B 437 5.74 27.65 11.10
C LEU B 437 7.07 27.28 11.75
N LEU B 438 7.85 26.45 11.08
CA LEU B 438 9.12 25.97 11.63
C LEU B 438 10.17 27.06 11.43
N ILE B 439 10.42 27.84 12.47
CA ILE B 439 11.40 28.92 12.41
C ILE B 439 12.79 28.42 12.79
N GLU B 440 12.93 27.84 13.96
CA GLU B 440 14.18 27.31 14.44
C GLU B 440 14.31 25.83 14.10
N PRO B 441 15.52 25.33 13.87
CA PRO B 441 15.69 23.92 13.53
C PRO B 441 15.35 22.99 14.69
N LEU B 442 15.11 21.73 14.35
CA LEU B 442 14.79 20.74 15.35
C LEU B 442 16.01 20.43 16.20
N ASP B 443 15.76 20.01 17.44
CA ASP B 443 16.83 19.81 18.40
C ASP B 443 17.67 18.58 18.11
N LYS B 444 17.12 17.61 17.39
CA LYS B 444 17.88 16.40 17.09
C LYS B 444 18.77 16.55 15.88
N TYR B 445 18.38 17.40 14.93
CA TYR B 445 19.11 17.59 13.66
C TYR B 445 19.54 19.04 13.54
N PRO B 446 20.80 19.36 13.81
CA PRO B 446 21.28 20.73 13.67
C PRO B 446 21.54 21.07 12.20
N LEU B 447 21.97 22.31 11.96
CA LEU B 447 22.27 22.75 10.60
C LEU B 447 23.77 22.65 10.33
N ALA B 448 24.25 21.41 10.35
CA ALA B 448 25.65 21.09 10.21
C ALA B 448 25.90 20.29 8.95
N PRO B 449 27.10 20.35 8.38
CA PRO B 449 27.43 19.47 7.26
C PRO B 449 27.47 18.01 7.68
N GLY B 450 26.86 17.16 6.87
CA GLY B 450 26.91 15.74 7.09
C GLY B 450 25.69 15.14 7.75
N VAL B 451 24.89 15.93 8.46
CA VAL B 451 23.70 15.43 9.13
C VAL B 451 22.59 15.40 8.09
N PRO B 452 21.74 14.39 8.07
CA PRO B 452 20.69 14.32 7.05
C PRO B 452 19.51 15.21 7.41
N LEU B 453 18.57 15.28 6.47
CA LEU B 453 17.33 15.98 6.67
C LEU B 453 16.45 15.18 7.62
N PRO B 454 15.48 15.82 8.30
CA PRO B 454 14.63 15.07 9.22
C PRO B 454 13.63 14.15 8.54
N SER B 455 12.82 13.49 9.32
CA SER B 455 11.82 12.59 8.81
C SER B 455 10.48 13.29 8.69
N PRO B 456 9.59 12.83 7.79
CA PRO B 456 8.24 13.42 7.72
C PRO B 456 7.42 13.19 8.97
N GLN B 457 7.74 12.16 9.77
CA GLN B 457 7.10 12.02 11.06
C GLN B 457 7.63 13.01 12.08
N ASP B 458 8.84 13.53 11.87
CA ASP B 458 9.42 14.48 12.81
C ASP B 458 8.83 15.88 12.68
N LEU B 459 8.15 16.16 11.56
CA LEU B 459 7.57 17.47 11.34
C LEU B 459 6.10 17.37 11.02
N MET B 460 5.37 16.54 11.77
CA MET B 460 3.95 16.35 11.52
C MET B 460 3.20 17.61 11.93
N GLY B 461 3.02 18.49 10.97
CA GLY B 461 2.35 19.74 11.21
C GLY B 461 3.21 20.96 11.10
N ARG B 462 4.34 20.89 10.40
CA ARG B 462 5.27 21.99 10.33
C ARG B 462 5.40 22.49 8.90
N ILE B 463 5.18 23.78 8.71
CA ILE B 463 5.22 24.40 7.39
C ILE B 463 6.61 24.98 7.20
N LEU B 464 7.30 24.54 6.16
CA LEU B 464 8.66 24.98 5.86
C LEU B 464 8.61 25.98 4.71
N VAL B 465 9.21 27.16 4.90
CA VAL B 465 9.31 28.11 3.82
C VAL B 465 10.56 27.78 3.00
N LYS B 466 10.70 28.42 1.85
CA LYS B 466 11.82 28.10 0.96
C LYS B 466 12.19 29.39 0.23
N ASN B 467 13.22 30.07 0.73
CA ASN B 467 13.67 31.32 0.14
C ASN B 467 15.17 31.45 0.33
N LYS B 468 15.76 32.43 -0.34
CA LYS B 468 17.20 32.63 -0.28
C LYS B 468 17.60 33.12 1.11
N LYS B 469 18.86 32.87 1.48
CA LYS B 469 19.37 33.22 2.79
C LYS B 469 20.47 34.26 2.65
N ARG B 470 21.13 34.55 3.77
CA ARG B 470 22.26 35.47 3.74
C ARG B 470 23.45 34.93 4.52
N THR B 575 16.06 31.84 -20.28
CA THR B 575 15.09 31.94 -21.35
C THR B 575 13.93 31.00 -21.11
N ASP B 576 14.24 29.74 -20.78
CA ASP B 576 13.24 28.72 -20.52
C ASP B 576 12.80 28.69 -19.06
N GLU B 577 13.19 29.69 -18.27
CA GLU B 577 12.73 29.80 -16.90
C GLU B 577 11.86 31.01 -16.67
N GLY B 578 12.04 32.10 -17.42
CA GLY B 578 11.10 33.21 -17.36
C GLY B 578 11.29 34.03 -16.10
N THR B 579 10.37 33.87 -15.16
CA THR B 579 10.45 34.61 -13.91
C THR B 579 11.42 33.97 -12.93
N ALA B 580 11.57 32.64 -13.00
CA ALA B 580 12.33 31.92 -11.99
C ALA B 580 13.83 32.10 -12.11
N SER B 581 14.32 32.74 -13.18
CA SER B 581 15.74 32.97 -13.34
C SER B 581 16.18 34.32 -12.80
N SER B 582 15.25 35.22 -12.50
CA SER B 582 15.57 36.57 -12.01
C SER B 582 14.73 36.83 -10.77
N GLU B 583 15.34 36.66 -9.61
CA GLU B 583 14.72 36.94 -8.32
C GLU B 583 15.73 37.60 -7.41
N VAL B 584 15.26 38.50 -6.56
CA VAL B 584 16.14 39.34 -5.78
C VAL B 584 16.73 38.57 -4.61
N ASN B 585 17.92 38.97 -4.17
CA ASN B 585 18.53 38.40 -2.97
C ASN B 585 17.71 38.79 -1.75
N ALA B 586 17.39 37.82 -0.91
CA ALA B 586 16.57 38.07 0.27
C ALA B 586 17.38 38.79 1.34
N THR B 587 16.68 39.50 2.21
CA THR B 587 17.29 40.30 3.26
C THR B 587 17.19 39.54 4.58
N GLU B 588 17.51 40.24 5.68
CA GLU B 588 17.57 39.60 6.99
C GLU B 588 16.20 39.21 7.54
N GLU B 589 15.12 39.77 7.00
CA GLU B 589 13.80 39.46 7.53
C GLU B 589 13.31 38.09 7.06
N MET B 590 13.39 37.83 5.77
CA MET B 590 12.91 36.55 5.23
C MET B 590 13.92 35.42 5.39
N SER B 591 15.16 35.73 5.75
CA SER B 591 16.17 34.69 5.89
C SER B 591 16.12 33.97 7.22
N THR B 592 15.41 34.52 8.22
CA THR B 592 15.32 33.83 9.50
C THR B 592 14.35 32.66 9.43
N LEU B 593 13.38 32.70 8.53
CA LEU B 593 12.41 31.63 8.40
C LEU B 593 12.93 30.45 7.60
N VAL B 594 13.94 30.64 6.76
CA VAL B 594 14.50 29.56 5.95
C VAL B 594 15.49 28.78 6.79
N ASN B 595 15.15 27.54 7.14
CA ASN B 595 15.99 26.74 8.01
C ASN B 595 16.48 25.45 7.38
N TYR B 596 15.59 24.58 6.93
CA TYR B 596 16.03 23.28 6.44
C TYR B 596 16.10 23.20 4.94
N ILE B 597 15.07 23.64 4.24
CA ILE B 597 15.04 23.61 2.77
C ILE B 597 15.47 24.99 2.29
N GLU B 598 16.66 25.07 1.72
CA GLU B 598 17.21 26.32 1.27
C GLU B 598 17.67 26.17 -0.18
N PRO B 599 17.22 27.03 -1.09
CA PRO B 599 17.61 26.90 -2.49
C PRO B 599 19.00 27.48 -2.71
N VAL B 600 19.85 26.74 -3.42
CA VAL B 600 21.18 27.23 -3.77
C VAL B 600 21.35 27.18 -5.27
N LYS B 601 22.23 28.05 -5.76
CA LYS B 601 22.54 28.07 -7.18
C LYS B 601 23.38 26.86 -7.54
N PHE B 602 22.93 26.11 -8.54
CA PHE B 602 23.55 24.83 -8.86
C PHE B 602 24.88 25.04 -9.58
N LYS B 603 25.87 24.22 -9.22
CA LYS B 603 27.17 24.26 -9.87
C LYS B 603 27.48 22.97 -10.62
N SER B 604 27.50 21.83 -9.95
CA SER B 604 27.86 20.55 -10.54
C SER B 604 27.39 19.45 -9.60
N PHE B 605 27.80 18.22 -9.87
CA PHE B 605 27.55 17.12 -8.95
C PHE B 605 28.75 16.73 -8.12
N GLU B 606 29.97 17.03 -8.58
CA GLU B 606 31.14 16.84 -7.75
C GLU B 606 31.17 17.85 -6.61
N ALA B 607 30.81 19.10 -6.90
CA ALA B 607 30.74 20.12 -5.86
C ALA B 607 29.53 19.96 -4.98
N ALA B 608 28.52 19.20 -5.40
CA ALA B 608 27.41 18.88 -4.54
C ALA B 608 27.73 17.75 -3.57
N ARG B 609 28.77 16.96 -3.86
CA ARG B 609 29.17 15.85 -3.02
C ARG B 609 30.37 16.18 -2.14
N LYS B 610 31.28 17.02 -2.61
CA LYS B 610 32.41 17.42 -1.76
C LYS B 610 32.04 18.50 -0.76
N ARG B 611 30.88 19.14 -0.94
CA ARG B 611 30.42 20.12 0.04
C ARG B 611 29.79 19.43 1.24
N ASN B 612 29.02 18.38 0.99
CA ASN B 612 28.46 17.47 1.98
C ASN B 612 27.51 18.16 2.95
N LYS B 613 26.75 19.13 2.47
CA LYS B 613 25.67 19.70 3.25
C LYS B 613 24.36 19.10 2.74
N CYS B 614 23.71 18.30 3.58
CA CYS B 614 22.55 17.55 3.17
C CYS B 614 21.24 18.28 3.37
N PHE B 615 21.27 19.58 3.60
CA PHE B 615 20.02 20.32 3.75
C PHE B 615 19.69 21.20 2.55
N GLU B 616 20.71 21.67 1.83
CA GLU B 616 20.47 22.52 0.67
C GLU B 616 19.81 21.75 -0.46
N MET B 617 19.14 22.46 -1.35
CA MET B 617 18.52 21.87 -2.51
C MET B 617 18.68 22.83 -3.69
N SER B 618 18.43 22.33 -4.89
CA SER B 618 18.53 23.16 -6.08
C SER B 618 17.46 22.78 -7.07
N SER B 619 16.71 23.77 -7.55
CA SER B 619 15.56 23.52 -8.41
C SER B 619 15.95 23.65 -9.87
N PHE B 620 15.72 22.59 -10.63
CA PHE B 620 16.06 22.54 -12.05
C PHE B 620 14.84 22.86 -12.88
N VAL B 621 15.05 23.44 -14.06
CA VAL B 621 13.98 23.59 -15.04
C VAL B 621 13.92 22.28 -15.79
N GLU B 622 12.87 22.08 -16.59
CA GLU B 622 12.64 20.79 -17.24
C GLU B 622 13.71 20.49 -18.29
N THR B 623 14.09 21.48 -19.09
CA THR B 623 15.03 21.21 -20.18
C THR B 623 16.48 21.14 -19.70
N LYS B 624 16.76 21.61 -18.50
CA LYS B 624 18.10 21.52 -17.94
C LYS B 624 18.28 20.24 -17.15
N ALA B 625 17.21 19.72 -16.54
CA ALA B 625 17.29 18.45 -15.86
C ALA B 625 17.21 17.28 -16.82
N MET B 626 16.81 17.52 -18.06
CA MET B 626 16.79 16.44 -19.04
C MET B 626 18.16 16.23 -19.68
N GLU B 627 18.96 17.28 -19.83
CA GLU B 627 20.33 17.08 -20.28
C GLU B 627 21.21 16.59 -19.15
N GLN B 628 20.85 16.89 -17.90
CA GLN B 628 21.51 16.28 -16.76
C GLN B 628 21.03 14.86 -16.50
N LEU B 629 20.01 14.41 -17.21
CA LEU B 629 19.49 13.07 -17.02
C LEU B 629 20.27 12.06 -17.83
N THR B 630 20.60 12.40 -19.08
CA THR B 630 21.29 11.47 -19.95
C THR B 630 22.80 11.63 -19.94
N LYS B 631 23.31 12.79 -19.52
CA LYS B 631 24.75 12.95 -19.37
C LYS B 631 25.29 12.12 -18.20
N SER B 632 24.57 12.12 -17.08
CA SER B 632 25.01 11.38 -15.90
C SER B 632 23.80 11.01 -15.07
N PRO B 633 23.18 9.85 -15.35
CA PRO B 633 22.11 9.36 -14.46
C PRO B 633 22.62 8.57 -13.28
N MET B 634 23.86 8.08 -13.32
CA MET B 634 24.40 7.36 -12.17
C MET B 634 24.76 8.31 -11.05
N GLU B 635 25.10 9.55 -11.36
CA GLU B 635 25.38 10.54 -10.34
C GLU B 635 24.14 11.31 -9.91
N PHE B 636 23.07 11.27 -10.70
CA PHE B 636 21.87 11.98 -10.33
C PHE B 636 21.12 11.32 -9.19
N VAL B 637 21.18 9.99 -9.11
CA VAL B 637 20.49 9.30 -8.04
C VAL B 637 21.23 9.50 -6.72
N GLU B 638 22.57 9.52 -6.78
CA GLU B 638 23.35 9.73 -5.56
C GLU B 638 23.28 11.17 -5.06
N TYR B 639 22.87 12.11 -5.87
CA TYR B 639 22.61 13.44 -5.35
C TYR B 639 21.28 13.48 -4.62
N ASN B 640 20.31 12.68 -5.04
CA ASN B 640 19.00 12.66 -4.41
C ASN B 640 18.92 11.77 -3.18
N LYS B 641 19.97 11.00 -2.89
CA LYS B 641 19.99 10.24 -1.66
C LYS B 641 20.31 11.11 -0.45
N GLN B 642 20.90 12.28 -0.67
CA GLN B 642 21.24 13.21 0.41
C GLN B 642 20.36 14.45 0.39
N GLN B 643 20.28 15.13 -0.75
CA GLN B 643 19.65 16.44 -0.87
C GLN B 643 18.41 16.34 -1.73
N LEU B 644 17.58 17.38 -1.68
CA LEU B 644 16.36 17.43 -2.47
C LEU B 644 16.65 17.99 -3.86
N SER B 645 15.64 17.92 -4.73
CA SER B 645 15.75 18.47 -6.08
C SER B 645 14.36 18.73 -6.62
N ARG B 646 14.03 19.99 -6.87
CA ARG B 646 12.74 20.38 -7.43
C ARG B 646 12.84 20.48 -8.94
N ILE B 647 11.80 20.04 -9.64
CA ILE B 647 11.78 20.09 -11.10
C ILE B 647 10.46 20.70 -11.55
N TYR B 648 10.53 21.78 -12.31
CA TYR B 648 9.32 22.46 -12.75
C TYR B 648 9.34 22.62 -14.26
N PRO B 649 8.17 22.66 -14.90
CA PRO B 649 8.14 22.78 -16.37
C PRO B 649 8.57 24.16 -16.84
N LYS B 650 9.06 24.20 -18.08
CA LYS B 650 9.74 25.38 -18.59
C LYS B 650 8.74 26.47 -18.98
N GLY B 651 9.26 27.54 -19.56
CA GLY B 651 8.44 28.66 -19.97
C GLY B 651 7.90 28.59 -21.37
N THR B 652 8.28 27.57 -22.14
CA THR B 652 7.74 27.39 -23.48
C THR B 652 6.31 26.87 -23.42
N ARG B 653 6.02 25.98 -22.46
CA ARG B 653 4.69 25.43 -22.27
C ARG B 653 3.79 26.50 -21.68
N VAL B 654 3.19 27.30 -22.56
CA VAL B 654 2.38 28.43 -22.15
C VAL B 654 0.90 28.05 -22.19
N ASP B 655 0.63 26.77 -22.43
CA ASP B 655 -0.73 26.26 -22.44
C ASP B 655 -1.00 25.30 -21.28
N SER B 656 -0.08 25.29 -20.29
CA SER B 656 -0.16 24.48 -19.08
C SER B 656 -0.23 22.98 -19.38
N SER B 657 0.61 22.52 -20.31
CA SER B 657 0.76 21.10 -20.57
C SER B 657 1.85 20.54 -19.68
N ASN B 658 1.58 19.38 -19.09
CA ASN B 658 2.45 18.80 -18.08
C ASN B 658 3.29 17.68 -18.65
N TYR B 659 4.58 17.73 -18.41
CA TYR B 659 5.49 16.68 -18.83
C TYR B 659 5.22 15.40 -18.05
N MET B 660 5.71 14.29 -18.57
CA MET B 660 5.56 13.03 -17.87
C MET B 660 6.49 13.00 -16.67
N PRO B 661 5.98 12.92 -15.44
CA PRO B 661 6.87 12.97 -14.28
C PRO B 661 7.65 11.70 -14.04
N GLN B 662 7.31 10.60 -14.71
CA GLN B 662 8.10 9.37 -14.61
C GLN B 662 9.44 9.47 -15.30
N LEU B 663 9.69 10.52 -16.10
CA LEU B 663 11.04 10.72 -16.62
C LEU B 663 11.99 11.12 -15.52
N PHE B 664 11.49 11.82 -14.49
CA PHE B 664 12.31 12.31 -13.41
C PHE B 664 12.12 11.56 -12.10
N TRP B 665 11.15 10.66 -12.03
CA TRP B 665 11.03 9.83 -10.84
C TRP B 665 11.91 8.59 -10.91
N ASN B 666 12.40 8.23 -12.09
CA ASN B 666 13.32 7.11 -12.19
C ASN B 666 14.70 7.44 -11.65
N VAL B 667 15.02 8.72 -11.51
CA VAL B 667 16.26 9.16 -10.90
C VAL B 667 16.04 9.68 -9.49
N GLY B 668 14.85 9.50 -8.94
CA GLY B 668 14.63 9.79 -7.55
C GLY B 668 14.46 11.23 -7.19
N CYS B 669 14.04 12.08 -8.12
CA CYS B 669 13.72 13.46 -7.78
C CYS B 669 12.46 13.50 -6.93
N GLN B 670 12.44 14.38 -5.95
CA GLN B 670 11.34 14.40 -5.02
C GLN B 670 10.25 15.38 -5.44
N LEU B 671 10.60 16.66 -5.55
CA LEU B 671 9.60 17.70 -5.78
C LEU B 671 9.42 17.92 -7.28
N VAL B 672 8.90 16.90 -7.95
CA VAL B 672 8.59 17.01 -9.38
C VAL B 672 7.29 17.80 -9.48
N ALA B 673 7.37 19.04 -9.91
CA ALA B 673 6.23 19.93 -9.87
C ALA B 673 5.45 19.89 -11.18
N LEU B 674 4.13 19.75 -11.08
CA LEU B 674 3.25 19.65 -12.24
C LEU B 674 2.14 20.68 -12.12
N ASN B 675 1.68 21.16 -13.28
CA ASN B 675 0.58 22.12 -13.34
C ASN B 675 -0.73 21.41 -12.98
N PHE B 676 -1.34 21.81 -11.87
CA PHE B 676 -2.55 21.18 -11.38
C PHE B 676 -3.82 21.61 -12.11
N GLN B 677 -3.71 22.49 -13.11
CA GLN B 677 -4.90 22.94 -13.83
C GLN B 677 -5.37 21.88 -14.81
N THR B 678 -4.49 21.47 -15.72
CA THR B 678 -4.87 20.66 -16.86
C THR B 678 -4.59 19.19 -16.57
N LEU B 679 -5.63 18.37 -16.66
CA LEU B 679 -5.59 16.97 -16.26
C LEU B 679 -5.40 16.10 -17.51
N ASP B 680 -4.19 16.13 -18.04
CA ASP B 680 -3.83 15.27 -19.16
C ASP B 680 -3.36 13.91 -18.62
N VAL B 681 -2.64 13.14 -19.44
CA VAL B 681 -2.15 11.83 -19.01
C VAL B 681 -1.13 11.96 -17.86
N ALA B 682 -0.42 13.08 -17.79
CA ALA B 682 0.57 13.27 -16.74
C ALA B 682 -0.07 13.47 -15.39
N MET B 683 -1.08 14.33 -15.31
CA MET B 683 -1.78 14.56 -14.05
C MET B 683 -2.63 13.37 -13.63
N GLN B 684 -3.04 12.53 -14.58
CA GLN B 684 -3.73 11.30 -14.21
C GLN B 684 -2.79 10.31 -13.53
N LEU B 685 -1.49 10.43 -13.75
CA LEU B 685 -0.51 9.65 -13.01
C LEU B 685 -0.27 10.26 -11.63
N ASN B 686 -0.10 11.59 -11.58
CA ASN B 686 0.30 12.24 -10.33
C ASN B 686 -0.82 12.25 -9.31
N ALA B 687 -2.06 12.08 -9.73
CA ALA B 687 -3.17 11.91 -8.81
C ALA B 687 -3.52 10.45 -8.61
N GLY B 688 -2.86 9.54 -9.32
CA GLY B 688 -3.17 8.14 -9.20
C GLY B 688 -2.22 7.43 -8.28
N VAL B 689 -0.94 7.79 -8.32
CA VAL B 689 0.04 7.09 -7.49
C VAL B 689 0.10 7.63 -6.07
N PHE B 690 -0.49 8.78 -5.79
CA PHE B 690 -0.50 9.33 -4.45
C PHE B 690 -1.81 9.11 -3.72
N GLU B 691 -2.78 8.43 -4.35
CA GLU B 691 -3.98 8.00 -3.64
C GLU B 691 -3.63 6.95 -2.60
N TYR B 692 -2.59 6.16 -2.85
CA TYR B 692 -2.09 5.22 -1.88
C TYR B 692 -1.33 5.96 -0.79
N ASN B 693 -0.90 5.19 0.22
CA ASN B 693 -0.35 5.70 1.48
C ASN B 693 -1.31 6.68 2.15
N GLY B 694 -2.61 6.35 2.13
CA GLY B 694 -3.59 7.09 2.90
C GLY B 694 -3.89 8.50 2.43
N ARG B 695 -3.67 8.78 1.13
CA ARG B 695 -3.80 10.12 0.54
C ARG B 695 -2.95 11.14 1.28
N SER B 696 -1.72 10.74 1.61
CA SER B 696 -0.87 11.59 2.43
C SER B 696 0.11 12.42 1.63
N GLY B 697 0.33 12.09 0.36
CA GLY B 697 1.24 12.87 -0.43
C GLY B 697 2.70 12.58 -0.18
N TYR B 698 3.02 11.42 0.35
CA TYR B 698 4.41 11.03 0.61
C TYR B 698 4.52 9.55 0.31
N LEU B 699 5.12 9.21 -0.83
CA LEU B 699 5.45 7.82 -1.14
C LEU B 699 6.92 7.59 -0.84
N LEU B 700 7.22 6.44 -0.24
CA LEU B 700 8.61 6.07 0.00
C LEU B 700 9.25 5.61 -1.30
N LYS B 701 10.49 6.04 -1.52
CA LYS B 701 11.26 5.59 -2.66
C LYS B 701 11.59 4.11 -2.50
N PRO B 702 11.87 3.41 -3.60
CA PRO B 702 12.33 2.02 -3.49
C PRO B 702 13.67 1.92 -2.77
N GLU B 703 13.93 0.72 -2.22
CA GLU B 703 14.99 0.54 -1.25
C GLU B 703 16.39 0.64 -1.85
N PHE B 704 16.53 0.69 -3.16
CA PHE B 704 17.83 0.86 -3.79
C PHE B 704 18.07 2.28 -4.25
N MET B 705 17.12 3.18 -4.07
CA MET B 705 17.29 4.59 -4.39
C MET B 705 17.49 5.45 -3.16
N ARG B 706 17.57 4.86 -1.98
CA ARG B 706 17.83 5.64 -0.78
C ARG B 706 18.87 5.01 0.13
N ARG B 707 19.46 3.92 -0.25
CA ARG B 707 20.50 3.32 0.57
C ARG B 707 21.86 3.75 0.07
N PRO B 708 22.70 4.37 0.90
CA PRO B 708 23.99 4.88 0.41
C PRO B 708 25.05 3.81 0.15
N ASP B 709 24.79 2.55 0.47
CA ASP B 709 25.75 1.49 0.17
C ASP B 709 25.48 0.81 -1.16
N LYS B 710 24.26 0.83 -1.65
CA LYS B 710 23.93 0.28 -2.96
C LYS B 710 23.69 1.41 -3.96
N SER B 711 23.81 1.06 -5.24
CA SER B 711 23.60 2.01 -6.32
C SER B 711 23.26 1.24 -7.58
N PHE B 712 22.25 1.70 -8.32
CA PHE B 712 21.86 1.01 -9.54
C PHE B 712 21.59 2.03 -10.64
N ASP B 713 21.75 1.59 -11.88
CA ASP B 713 21.52 2.43 -13.04
C ASP B 713 20.04 2.44 -13.38
N PRO B 714 19.39 3.61 -13.46
CA PRO B 714 17.96 3.62 -13.81
C PRO B 714 17.70 3.27 -15.25
N PHE B 715 18.71 3.30 -16.12
CA PHE B 715 18.55 2.96 -17.52
C PHE B 715 19.05 1.56 -17.82
N THR B 716 18.82 0.63 -16.89
CA THR B 716 19.27 -0.74 -17.05
C THR B 716 18.36 -1.48 -18.03
N GLU B 717 18.86 -2.61 -18.55
CA GLU B 717 18.06 -3.49 -19.38
C GLU B 717 18.00 -4.91 -18.85
N VAL B 718 18.75 -5.23 -17.80
CA VAL B 718 18.73 -6.56 -17.20
C VAL B 718 18.15 -6.44 -15.80
N ILE B 719 17.85 -7.60 -15.20
CA ILE B 719 17.32 -7.61 -13.84
C ILE B 719 18.43 -7.27 -12.86
N VAL B 720 18.11 -6.41 -11.90
CA VAL B 720 19.13 -5.84 -11.02
C VAL B 720 19.49 -6.88 -9.96
N ASP B 721 20.77 -6.93 -9.61
CA ASP B 721 21.27 -7.86 -8.59
C ASP B 721 20.76 -7.40 -7.23
N GLY B 722 19.78 -8.12 -6.69
CA GLY B 722 19.21 -7.82 -5.39
C GLY B 722 17.78 -7.34 -5.44
N ILE B 723 17.30 -6.92 -6.61
CA ILE B 723 15.93 -6.43 -6.76
C ILE B 723 15.10 -7.53 -7.40
N VAL B 724 14.04 -7.96 -6.70
CA VAL B 724 13.17 -9.00 -7.21
C VAL B 724 12.33 -8.42 -8.35
N ALA B 725 12.45 -9.01 -9.54
CA ALA B 725 11.65 -8.61 -10.67
C ALA B 725 10.25 -9.21 -10.58
N ASN B 726 9.41 -8.87 -11.55
CA ASN B 726 8.07 -9.43 -11.63
C ASN B 726 7.69 -9.64 -13.08
N ALA B 727 6.64 -10.43 -13.30
CA ALA B 727 6.17 -10.77 -14.63
C ALA B 727 4.64 -10.64 -14.67
N LEU B 728 4.17 -9.44 -15.01
CA LEU B 728 2.74 -9.18 -15.01
C LEU B 728 2.11 -9.62 -16.33
N ARG B 729 0.86 -10.11 -16.27
CA ARG B 729 0.14 -10.61 -17.45
C ARG B 729 -1.33 -10.23 -17.32
N VAL B 730 -1.71 -9.11 -17.92
CA VAL B 730 -3.07 -8.61 -17.80
C VAL B 730 -3.87 -9.00 -19.04
N LYS B 731 -5.14 -9.36 -18.84
CA LYS B 731 -6.02 -9.75 -19.93
C LYS B 731 -7.42 -9.23 -19.60
N VAL B 732 -8.02 -8.47 -20.51
CA VAL B 732 -9.31 -7.84 -20.26
C VAL B 732 -10.41 -8.78 -20.72
N ILE B 733 -11.28 -9.18 -19.80
CA ILE B 733 -12.32 -10.16 -20.12
C ILE B 733 -13.52 -9.48 -20.74
N SER B 734 -14.12 -8.53 -20.03
CA SER B 734 -15.40 -7.96 -20.46
C SER B 734 -15.55 -6.58 -19.82
N GLY B 735 -16.78 -6.07 -19.80
CA GLY B 735 -17.07 -4.79 -19.18
C GLY B 735 -18.56 -4.69 -18.91
N GLN B 736 -18.93 -3.71 -18.09
CA GLN B 736 -20.33 -3.49 -17.75
C GLN B 736 -20.63 -2.00 -17.66
N PHE B 737 -21.79 -1.61 -18.21
CA PHE B 737 -22.43 -0.31 -17.98
C PHE B 737 -21.53 0.87 -18.32
N LEU B 738 -20.77 0.78 -19.40
CA LEU B 738 -19.62 1.66 -19.54
C LEU B 738 -20.01 3.07 -20.00
N SER B 739 -21.05 3.21 -20.81
CA SER B 739 -21.40 4.53 -21.32
C SER B 739 -22.90 4.65 -21.46
N ASP B 740 -23.34 5.81 -21.95
CA ASP B 740 -24.76 6.16 -22.01
C ASP B 740 -25.31 6.17 -23.44
N ARG B 741 -24.56 5.67 -24.41
CA ARG B 741 -25.06 5.62 -25.77
C ARG B 741 -24.36 4.47 -26.50
N LYS B 742 -24.96 4.06 -27.61
CA LYS B 742 -24.43 2.92 -28.37
C LYS B 742 -23.16 3.33 -29.09
N VAL B 743 -22.01 3.07 -28.48
CA VAL B 743 -20.71 3.35 -29.06
C VAL B 743 -19.81 2.14 -28.89
N GLY B 744 -18.71 2.13 -29.63
CA GLY B 744 -17.68 1.15 -29.42
C GLY B 744 -16.68 1.60 -28.36
N ILE B 745 -16.10 0.64 -27.67
CA ILE B 745 -15.23 0.92 -26.53
C ILE B 745 -14.02 0.01 -26.60
N TYR B 746 -12.82 0.59 -26.52
CA TYR B 746 -11.60 -0.18 -26.38
C TYR B 746 -10.94 0.14 -25.04
N VAL B 747 -9.93 -0.65 -24.70
CA VAL B 747 -9.25 -0.55 -23.41
C VAL B 747 -7.76 -0.46 -23.64
N GLU B 748 -7.13 0.59 -23.11
CA GLU B 748 -5.69 0.74 -23.17
C GLU B 748 -5.05 0.22 -21.91
N VAL B 749 -3.89 -0.44 -22.04
CA VAL B 749 -3.13 -0.91 -20.90
C VAL B 749 -1.68 -0.49 -21.10
N ASP B 750 -1.19 0.38 -20.23
CA ASP B 750 0.19 0.84 -20.21
C ASP B 750 0.86 0.37 -18.93
N MET B 751 2.14 0.70 -18.78
CA MET B 751 2.84 0.51 -17.52
C MET B 751 3.90 1.59 -17.41
N PHE B 752 3.81 2.40 -16.36
CA PHE B 752 4.70 3.54 -16.17
C PHE B 752 5.72 3.20 -15.10
N GLY B 753 6.92 2.83 -15.51
CA GLY B 753 7.95 2.50 -14.55
C GLY B 753 9.33 2.96 -14.97
N LEU B 754 10.31 2.06 -14.88
CA LEU B 754 11.60 2.30 -15.49
C LEU B 754 11.44 2.30 -17.01
N PRO B 755 12.37 2.91 -17.75
CA PRO B 755 12.28 2.89 -19.22
C PRO B 755 12.45 1.51 -19.83
N VAL B 756 12.91 0.50 -19.09
CA VAL B 756 12.93 -0.86 -19.61
C VAL B 756 11.55 -1.51 -19.49
N ASP B 757 10.67 -1.00 -18.62
CA ASP B 757 9.36 -1.62 -18.44
C ASP B 757 8.30 -0.98 -19.33
N THR B 758 8.52 0.27 -19.74
CA THR B 758 7.52 1.09 -20.41
C THR B 758 7.39 0.80 -21.90
N ARG B 759 8.12 -0.18 -22.44
CA ARG B 759 8.26 -0.28 -23.89
C ARG B 759 7.00 -0.84 -24.54
N ARG B 760 6.15 -1.50 -23.78
CA ARG B 760 4.98 -2.16 -24.33
C ARG B 760 3.73 -1.38 -23.97
N LYS B 761 2.96 -1.02 -24.99
CA LYS B 761 1.68 -0.32 -24.83
C LYS B 761 0.64 -1.08 -25.65
N TYR B 762 -0.31 -1.69 -24.96
CA TYR B 762 -1.30 -2.55 -25.60
C TYR B 762 -2.64 -1.84 -25.68
N ARG B 763 -3.53 -2.41 -26.50
CA ARG B 763 -4.86 -1.84 -26.71
C ARG B 763 -5.78 -2.89 -27.32
N THR B 764 -6.97 -3.07 -26.76
CA THR B 764 -7.91 -4.05 -27.27
C THR B 764 -8.52 -3.59 -28.58
N ARG B 765 -9.15 -4.52 -29.28
CA ARG B 765 -10.01 -4.16 -30.37
C ARG B 765 -11.28 -3.53 -29.83
N THR B 766 -11.93 -2.71 -30.66
CA THR B 766 -13.19 -2.14 -30.22
C THR B 766 -14.28 -3.21 -30.23
N SER B 767 -15.34 -2.95 -29.48
CA SER B 767 -16.47 -3.86 -29.47
C SER B 767 -17.34 -3.60 -30.68
N GLN B 768 -18.44 -4.34 -30.79
CA GLN B 768 -19.26 -4.30 -32.00
C GLN B 768 -20.13 -3.05 -32.04
N GLY B 769 -20.28 -2.36 -30.92
CA GLY B 769 -21.22 -1.26 -30.83
C GLY B 769 -21.97 -1.29 -29.51
N ASN B 770 -21.63 -2.26 -28.65
CA ASN B 770 -22.19 -2.35 -27.32
C ASN B 770 -21.41 -1.47 -26.36
N SER B 771 -22.14 -0.68 -25.56
CA SER B 771 -21.58 -0.01 -24.41
C SER B 771 -22.19 -0.55 -23.12
N PHE B 772 -22.79 -1.73 -23.18
CA PHE B 772 -23.63 -2.25 -22.12
C PHE B 772 -23.03 -3.50 -21.48
N ASN B 773 -22.73 -4.53 -22.27
CA ASN B 773 -21.95 -5.68 -21.79
C ASN B 773 -20.95 -6.12 -22.86
N PRO B 774 -19.97 -5.28 -23.19
CA PRO B 774 -19.08 -5.63 -24.29
C PRO B 774 -18.05 -6.67 -23.86
N VAL B 775 -17.87 -7.68 -24.69
CA VAL B 775 -16.95 -8.76 -24.40
C VAL B 775 -15.80 -8.71 -25.39
N TRP B 776 -14.59 -8.88 -24.88
CA TRP B 776 -13.37 -8.82 -25.67
C TRP B 776 -12.71 -10.17 -25.66
N ASP B 777 -12.66 -10.82 -26.82
CA ASP B 777 -11.93 -12.08 -26.98
C ASP B 777 -10.50 -11.74 -27.38
N GLU B 778 -9.68 -11.46 -26.38
CA GLU B 778 -8.33 -10.98 -26.60
C GLU B 778 -7.30 -11.91 -25.99
N GLU B 779 -6.13 -11.96 -26.63
CA GLU B 779 -4.99 -12.62 -26.05
C GLU B 779 -4.48 -11.78 -24.86
N PRO B 780 -3.79 -12.40 -23.89
CA PRO B 780 -3.32 -11.64 -22.74
C PRO B 780 -2.19 -10.68 -23.11
N PHE B 781 -2.16 -9.55 -22.42
CA PHE B 781 -1.12 -8.55 -22.63
C PHE B 781 0.09 -8.92 -21.76
N ASP B 782 1.17 -9.34 -22.39
CA ASP B 782 2.32 -9.85 -21.65
C ASP B 782 3.28 -8.73 -21.30
N PHE B 783 3.46 -8.48 -20.00
CA PHE B 783 4.49 -7.60 -19.50
C PHE B 783 5.55 -8.45 -18.83
N PRO B 784 6.51 -8.97 -19.56
CA PRO B 784 7.26 -10.13 -19.08
C PRO B 784 8.39 -9.81 -18.12
N LYS B 785 8.98 -8.64 -18.23
CA LYS B 785 10.18 -8.29 -17.46
C LYS B 785 9.92 -6.96 -16.80
N VAL B 786 9.26 -6.99 -15.65
CA VAL B 786 9.07 -5.79 -14.84
C VAL B 786 10.29 -5.75 -13.92
N VAL B 787 11.25 -4.88 -14.24
CA VAL B 787 12.54 -4.90 -13.55
C VAL B 787 12.41 -4.33 -12.15
N LEU B 788 11.80 -3.16 -12.01
CA LEU B 788 11.57 -2.54 -10.72
C LEU B 788 10.07 -2.48 -10.46
N PRO B 789 9.48 -3.50 -9.84
CA PRO B 789 8.04 -3.50 -9.66
C PRO B 789 7.56 -2.72 -8.45
N THR B 790 8.46 -2.26 -7.60
CA THR B 790 8.07 -1.40 -6.49
C THR B 790 8.09 0.07 -6.87
N LEU B 791 8.26 0.37 -8.16
CA LEU B 791 8.15 1.71 -8.72
C LEU B 791 7.09 1.81 -9.80
N ALA B 792 6.94 0.78 -10.61
CA ALA B 792 6.06 0.82 -11.77
C ALA B 792 4.60 0.80 -11.34
N SER B 793 3.73 1.15 -12.28
CA SER B 793 2.30 1.26 -12.00
C SER B 793 1.51 1.03 -13.28
N LEU B 794 0.58 0.09 -13.23
CA LEU B 794 -0.29 -0.22 -14.36
C LEU B 794 -1.27 0.92 -14.58
N ARG B 795 -1.87 0.97 -15.78
CA ARG B 795 -2.90 1.96 -16.06
C ARG B 795 -3.90 1.33 -17.03
N ILE B 796 -5.08 1.01 -16.51
CA ILE B 796 -6.14 0.41 -17.32
C ILE B 796 -7.16 1.49 -17.61
N ALA B 797 -7.13 2.04 -18.81
CA ALA B 797 -8.06 3.09 -19.20
C ALA B 797 -8.99 2.55 -20.26
N ALA B 798 -10.23 3.01 -20.25
CA ALA B 798 -11.23 2.57 -21.22
C ALA B 798 -11.75 3.78 -21.96
N PHE B 799 -11.62 3.77 -23.27
CA PHE B 799 -11.99 4.89 -24.12
C PHE B 799 -13.19 4.52 -24.97
N GLU B 800 -13.56 5.42 -25.86
CA GLU B 800 -14.62 5.18 -26.81
C GLU B 800 -14.07 5.27 -28.22
N GLU B 801 -14.92 4.95 -29.19
CA GLU B 801 -14.58 5.16 -30.58
C GLU B 801 -14.49 6.66 -30.87
N GLY B 802 -13.41 7.06 -31.52
CA GLY B 802 -13.13 8.47 -31.69
C GLY B 802 -12.26 9.08 -30.61
N GLY B 803 -12.03 8.36 -29.51
CA GLY B 803 -11.07 8.83 -28.53
C GLY B 803 -11.65 9.60 -27.37
N LYS B 804 -12.94 9.43 -27.07
CA LYS B 804 -13.52 10.07 -25.91
C LYS B 804 -13.26 9.24 -24.66
N PHE B 805 -12.84 9.91 -23.59
CA PHE B 805 -12.50 9.24 -22.34
C PHE B 805 -13.74 8.78 -21.60
N VAL B 806 -13.62 7.65 -20.90
CA VAL B 806 -14.67 7.12 -20.04
C VAL B 806 -14.17 6.93 -18.61
N GLY B 807 -13.08 6.18 -18.45
CA GLY B 807 -12.56 5.90 -17.13
C GLY B 807 -11.17 5.29 -17.16
N HIS B 808 -10.43 5.46 -16.08
CA HIS B 808 -9.10 4.89 -15.95
C HIS B 808 -8.87 4.49 -14.51
N ARG B 809 -7.93 3.58 -14.30
CA ARG B 809 -7.57 3.17 -12.95
C ARG B 809 -6.12 2.78 -12.94
N ILE B 810 -5.36 3.38 -12.02
CA ILE B 810 -3.92 3.14 -11.91
C ILE B 810 -3.68 2.24 -10.72
N LEU B 811 -3.09 1.09 -10.98
CA LEU B 811 -2.80 0.08 -9.99
C LEU B 811 -1.30 -0.13 -9.90
N PRO B 812 -0.74 -0.26 -8.71
CA PRO B 812 0.68 -0.58 -8.61
C PRO B 812 0.92 -2.05 -8.93
N VAL B 813 2.11 -2.33 -9.48
CA VAL B 813 2.46 -3.69 -9.86
C VAL B 813 2.79 -4.55 -8.64
N SER B 814 3.11 -3.93 -7.50
CA SER B 814 3.46 -4.70 -6.32
C SER B 814 2.25 -5.34 -5.67
N ALA B 815 1.14 -4.61 -5.55
CA ALA B 815 -0.01 -5.05 -4.79
C ALA B 815 -1.22 -5.39 -5.67
N ILE B 816 -1.03 -5.65 -6.96
CA ILE B 816 -2.12 -6.13 -7.78
C ILE B 816 -2.28 -7.63 -7.58
N ARG B 817 -3.50 -8.08 -7.32
CA ARG B 817 -3.74 -9.49 -7.05
C ARG B 817 -3.81 -10.29 -8.35
N SER B 818 -4.21 -11.54 -8.25
CA SER B 818 -4.38 -12.41 -9.39
C SER B 818 -5.81 -12.93 -9.45
N GLY B 819 -6.18 -13.47 -10.61
CA GLY B 819 -7.50 -14.03 -10.78
C GLY B 819 -8.50 -13.03 -11.29
N TYR B 820 -9.72 -13.52 -11.51
CA TYR B 820 -10.79 -12.74 -12.11
C TYR B 820 -11.32 -11.73 -11.11
N HIS B 821 -10.85 -10.49 -11.20
CA HIS B 821 -11.25 -9.44 -10.29
C HIS B 821 -12.08 -8.39 -11.01
N TYR B 822 -12.54 -7.42 -10.26
CA TYR B 822 -13.23 -6.27 -10.83
C TYR B 822 -12.35 -5.04 -10.72
N VAL B 823 -12.55 -4.11 -11.65
CA VAL B 823 -11.88 -2.82 -11.66
C VAL B 823 -12.97 -1.77 -11.83
N CYS B 824 -13.11 -0.88 -10.86
CA CYS B 824 -14.08 0.20 -10.94
C CYS B 824 -13.37 1.46 -11.40
N LEU B 825 -13.72 1.94 -12.59
CA LEU B 825 -12.97 3.02 -13.22
C LEU B 825 -13.25 4.34 -12.53
N ARG B 826 -12.25 5.22 -12.56
CA ARG B 826 -12.33 6.56 -12.00
C ARG B 826 -12.28 7.59 -13.12
N ASN B 827 -12.74 8.79 -12.82
CA ASN B 827 -12.69 9.87 -13.80
C ASN B 827 -11.31 10.52 -13.75
N GLU B 828 -11.20 11.72 -14.34
CA GLU B 828 -9.87 12.28 -14.61
C GLU B 828 -9.16 12.79 -13.37
N ALA B 829 -9.90 13.18 -12.33
CA ALA B 829 -9.30 13.66 -11.10
C ALA B 829 -9.39 12.61 -10.00
N ASN B 830 -9.52 11.35 -10.43
CA ASN B 830 -9.48 10.16 -9.57
C ASN B 830 -10.58 10.16 -8.51
N GLN B 831 -11.81 10.41 -8.93
CA GLN B 831 -13.02 10.21 -8.14
C GLN B 831 -13.77 8.99 -8.67
N PRO B 832 -14.37 8.16 -7.81
CA PRO B 832 -14.90 6.88 -8.28
C PRO B 832 -16.22 7.02 -9.00
N LEU B 833 -16.35 6.30 -10.11
CA LEU B 833 -17.59 6.28 -10.87
C LEU B 833 -18.49 5.16 -10.37
N CYS B 834 -19.79 5.42 -10.35
CA CYS B 834 -20.72 4.49 -9.71
C CYS B 834 -20.97 3.27 -10.58
N LEU B 835 -21.43 3.46 -11.80
CA LEU B 835 -21.77 2.35 -12.69
C LEU B 835 -20.63 1.66 -13.45
N PRO B 836 -19.73 2.35 -14.19
CA PRO B 836 -18.84 1.62 -15.12
C PRO B 836 -17.77 0.82 -14.40
N ALA B 837 -17.50 -0.37 -14.94
CA ALA B 837 -16.50 -1.27 -14.38
C ALA B 837 -16.07 -2.25 -15.44
N LEU B 838 -14.83 -2.69 -15.35
CA LEU B 838 -14.28 -3.70 -16.24
C LEU B 838 -14.25 -5.04 -15.51
N LEU B 839 -13.59 -6.02 -16.11
CA LEU B 839 -13.37 -7.31 -15.47
C LEU B 839 -12.08 -7.86 -16.07
N ILE B 840 -11.02 -7.93 -15.28
CA ILE B 840 -9.73 -8.34 -15.81
C ILE B 840 -9.28 -9.61 -15.13
N TYR B 841 -8.30 -10.27 -15.75
CA TYR B 841 -7.71 -11.49 -15.20
C TYR B 841 -6.20 -11.35 -15.26
N THR B 842 -5.56 -11.17 -14.11
CA THR B 842 -4.14 -10.91 -14.02
C THR B 842 -3.41 -12.13 -13.46
N GLU B 843 -2.13 -12.25 -13.78
CA GLU B 843 -1.25 -13.26 -13.20
C GLU B 843 0.06 -12.58 -12.81
N ALA B 844 0.10 -12.00 -11.62
CA ALA B 844 1.29 -11.30 -11.14
C ALA B 844 2.14 -12.29 -10.36
N SER B 845 3.27 -12.70 -10.94
CA SER B 845 4.13 -13.68 -10.29
C SER B 845 5.58 -13.27 -10.44
N ASP B 846 6.46 -13.97 -9.74
CA ASP B 846 7.88 -13.63 -9.73
C ASP B 846 8.56 -14.05 -11.02
N TYR B 847 9.54 -13.25 -11.44
CA TYR B 847 10.22 -13.46 -12.70
C TYR B 847 11.34 -14.48 -12.52
N ILE B 848 11.35 -15.52 -13.34
CA ILE B 848 12.41 -16.51 -13.37
C ILE B 848 13.13 -16.37 -14.72
N PRO B 849 14.45 -16.23 -14.74
CA PRO B 849 15.16 -16.10 -16.01
C PRO B 849 15.10 -17.37 -16.83
N ASP B 850 15.15 -17.23 -18.16
CA ASP B 850 14.89 -18.35 -19.03
C ASP B 850 16.07 -19.32 -19.11
N ASP B 851 17.26 -18.86 -18.69
CA ASP B 851 18.42 -19.73 -18.76
C ASP B 851 18.41 -20.79 -17.67
N HIS B 852 17.91 -20.45 -16.48
CA HIS B 852 17.64 -21.46 -15.45
C HIS B 852 16.28 -21.17 -14.81
N GLN B 853 15.24 -21.72 -15.42
CA GLN B 853 13.92 -21.80 -14.82
C GLN B 853 13.62 -23.20 -14.33
N ASP B 854 14.47 -24.17 -14.65
CA ASP B 854 14.34 -25.53 -14.15
C ASP B 854 15.14 -25.78 -12.89
N TYR B 855 16.12 -24.93 -12.60
CA TYR B 855 16.79 -24.93 -11.31
C TYR B 855 16.10 -24.01 -10.33
N ALA B 856 14.92 -23.51 -10.65
CA ALA B 856 14.05 -22.87 -9.68
C ALA B 856 12.80 -23.69 -9.44
N GLU B 857 12.60 -24.76 -10.20
CA GLU B 857 11.56 -25.73 -9.89
C GLU B 857 12.06 -26.78 -8.89
N ALA B 858 13.37 -26.97 -8.80
CA ALA B 858 13.91 -27.89 -7.81
C ALA B 858 14.01 -27.26 -6.44
N LEU B 859 13.99 -25.93 -6.35
CA LEU B 859 13.99 -25.30 -5.04
C LEU B 859 12.60 -25.33 -4.42
N ILE B 860 11.56 -25.17 -5.25
CA ILE B 860 10.19 -25.02 -4.73
C ILE B 860 9.67 -26.34 -4.15
N ASN B 861 10.00 -27.46 -4.77
CA ASN B 861 9.66 -28.77 -4.23
C ASN B 861 10.89 -29.67 -4.27
N PRO B 862 11.81 -29.54 -3.31
CA PRO B 862 13.04 -30.33 -3.36
C PRO B 862 12.88 -31.77 -2.89
N ILE B 863 11.76 -32.13 -2.27
CA ILE B 863 11.51 -33.52 -1.90
C ILE B 863 11.30 -34.37 -3.14
N LYS B 864 10.44 -33.89 -4.06
CA LYS B 864 10.16 -34.61 -5.30
C LYS B 864 11.37 -34.61 -6.22
N HIS B 865 12.18 -33.56 -6.16
CA HIS B 865 13.32 -33.46 -7.08
C HIS B 865 14.44 -34.40 -6.68
N VAL B 866 14.67 -34.58 -5.38
CA VAL B 866 15.76 -35.45 -4.95
C VAL B 866 15.41 -36.92 -5.15
N SER B 867 14.12 -37.25 -5.29
CA SER B 867 13.75 -38.61 -5.64
C SER B 867 13.87 -38.85 -7.14
N LEU B 868 13.78 -37.79 -7.93
CA LEU B 868 13.92 -37.90 -9.37
C LEU B 868 15.39 -37.82 -9.79
N MET B 869 16.23 -37.21 -8.95
CA MET B 869 17.61 -36.96 -9.34
C MET B 869 18.43 -38.24 -9.34
N ASP B 870 18.33 -39.03 -8.27
CA ASP B 870 19.03 -40.30 -8.24
C ASP B 870 18.37 -41.35 -9.13
N GLN B 871 17.09 -41.16 -9.47
CA GLN B 871 16.42 -42.08 -10.38
C GLN B 871 17.00 -42.00 -11.78
N ARG B 872 17.34 -40.79 -12.22
CA ARG B 872 18.00 -40.63 -13.52
C ARG B 872 19.43 -41.13 -13.49
N ALA B 873 20.04 -41.19 -12.30
CA ALA B 873 21.38 -41.74 -12.19
C ALA B 873 21.36 -43.25 -12.00
N ARG B 874 20.30 -43.80 -11.40
CA ARG B 874 20.23 -45.24 -11.20
C ARG B 874 19.89 -45.96 -12.49
N GLN B 875 18.94 -45.42 -13.26
CA GLN B 875 18.53 -46.04 -14.52
C GLN B 875 19.58 -45.93 -15.60
N LEU B 876 20.53 -45.01 -15.47
CA LEU B 876 21.64 -44.94 -16.41
C LEU B 876 22.68 -46.03 -16.13
N ALA B 877 22.68 -46.59 -14.92
CA ALA B 877 23.64 -47.63 -14.58
C ALA B 877 23.33 -48.97 -15.25
N ALA B 878 22.10 -49.16 -15.69
CA ALA B 878 21.72 -50.40 -16.34
C ALA B 878 22.28 -50.48 -17.76
PB GDP C . 13.67 -17.24 9.77
O1B GDP C . 14.01 -15.79 9.61
O2B GDP C . 14.15 -18.00 8.56
O3B GDP C . 12.18 -17.40 9.81
O3A GDP C . 14.31 -17.81 11.12
PA GDP C . 13.96 -17.06 12.49
O1A GDP C . 12.60 -16.42 12.45
O2A GDP C . 14.99 -15.99 12.74
O5' GDP C . 14.01 -18.19 13.61
C5' GDP C . 12.79 -18.64 14.20
C4' GDP C . 12.94 -18.92 15.69
O4' GDP C . 14.00 -19.82 15.96
C3' GDP C . 13.27 -17.65 16.44
O3' GDP C . 12.15 -17.29 17.23
C2' GDP C . 14.39 -18.01 17.38
O2' GDP C . 13.98 -17.68 18.70
C1' GDP C . 14.49 -19.51 17.26
N9 GDP C . 15.90 -19.93 17.42
C8 GDP C . 16.86 -19.75 16.50
N7 GDP C . 18.03 -20.26 16.95
C5 GDP C . 17.81 -20.77 18.16
C6 GDP C . 18.64 -21.45 19.18
O6 GDP C . 19.85 -21.67 18.99
N1 GDP C . 18.05 -21.83 20.32
C2 GDP C . 16.76 -21.61 20.55
N2 GDP C . 16.24 -22.03 21.71
N3 GDP C . 15.94 -20.99 19.66
C4 GDP C . 16.41 -20.56 18.46
AL ALF D . 11.87 -17.52 7.52
F1 ALF D . 12.96 -16.15 7.24
F2 ALF D . 10.77 -18.89 7.80
F3 ALF D . 12.99 -18.56 6.62
F4 ALF D . 10.72 -16.45 8.37
MG MG E . 14.87 -14.44 8.37
CA CA F . 6.89 30.64 -11.01
#